data_6RK2
#
_entry.id   6RK2
#
_cell.length_a   63.615
_cell.length_b   80.371
_cell.length_c   183.592
_cell.angle_alpha   90.00
_cell.angle_beta   90.00
_cell.angle_gamma   90.00
#
_symmetry.space_group_name_H-M   'P 21 21 21'
#
loop_
_entity.id
_entity.type
_entity.pdbx_description
1 polymer Beta-glucosidase
2 non-polymer '2-(alpha-L-altropyranosyloxy)benzoic acid'
3 water water
#
_entity_poly.entity_id   1
_entity_poly.type   'polypeptide(L)'
_entity_poly.pdbx_seq_one_letter_code
;MGSSHHHHHHSSGLVPRGSHMLEMDDERAYPMTDHKALAARFPGDFLFGVATASFQIEGATKVDGRKPSIWDAFCNMPGH
VFGRHNGDVACDHYNRWEDDLDLIKEMGVEAYRFSIAWPRIIPDGFGPINEKGLDFYDRLVDGCKARGIKTYATLYHWDL
PLTLMGDGGWASRSTAHAFQRYAKTVMARLGDRLDAVATFNSPWCAVWLSHLYGIHAPGERNMEAALAAMHHINLAHGFG
VEASRHVAPKVPVGLVLNAHSVIPASNSDADMKAAERAFQFHNGAFFDPVFKGEYPAEMIEALGSRMPVVEAEDLSIISQ
KLDWWGLNYYTPMRVADDATEGAEFPATKQAPAVSDVKTDIGWEVYAPALHSLVETLYERYELPDCYITENGACYNMGVE
NGEVDDQPRLDYYAEHLGIVADLVKDGYPMRGYFAWSLMDNFEWAEGYRMRFGLVHVDYETQVRTLKNSGKWYSALASGF
PKGNHGVMKG
;
_entity_poly.pdbx_strand_id   A,B
#
# COMPACT_ATOMS: atom_id res chain seq x y z
N ALA A 29 9.01 -49.22 -39.63
CA ALA A 29 9.09 -48.03 -38.79
C ALA A 29 9.54 -46.81 -39.59
N TYR A 30 8.67 -45.81 -39.67
CA TYR A 30 8.87 -44.60 -40.48
C TYR A 30 8.81 -43.33 -39.63
N PRO A 31 9.39 -42.19 -40.11
CA PRO A 31 9.48 -40.97 -39.30
C PRO A 31 8.11 -40.50 -38.79
N MET A 32 8.09 -39.99 -37.57
CA MET A 32 6.85 -39.54 -36.93
C MET A 32 7.14 -38.22 -36.21
N THR A 33 6.24 -37.24 -36.38
CA THR A 33 6.37 -35.97 -35.67
C THR A 33 6.48 -36.19 -34.16
N ASP A 34 7.16 -35.29 -33.47
CA ASP A 34 7.26 -35.47 -32.02
C ASP A 34 5.89 -35.35 -31.35
N HIS A 35 5.01 -34.47 -31.85
CA HIS A 35 3.69 -34.31 -31.22
C HIS A 35 2.80 -35.55 -31.35
N LYS A 36 3.00 -36.34 -32.41
CA LYS A 36 2.23 -37.57 -32.58
C LYS A 36 2.79 -38.69 -31.71
N ALA A 37 4.12 -38.79 -31.63
CA ALA A 37 4.75 -39.74 -30.72
C ALA A 37 4.35 -39.43 -29.28
N LEU A 38 4.34 -38.13 -28.94
CA LEU A 38 4.00 -37.69 -27.59
C LEU A 38 2.56 -38.05 -27.26
N ALA A 39 1.65 -37.70 -28.16
CA ALA A 39 0.23 -38.01 -27.98
C ALA A 39 -0.05 -39.48 -27.63
N ALA A 40 0.76 -40.40 -28.17
CA ALA A 40 0.57 -41.83 -27.93
C ALA A 40 0.83 -42.20 -26.48
N ARG A 41 1.49 -41.30 -25.74
CA ARG A 41 1.88 -41.58 -24.36
C ARG A 41 0.82 -41.18 -23.36
N PHE A 42 -0.19 -40.44 -23.83
CA PHE A 42 -1.25 -39.93 -22.96
C PHE A 42 -2.51 -40.76 -23.14
N PRO A 43 -3.26 -40.94 -22.03
CA PRO A 43 -4.51 -41.70 -22.10
C PRO A 43 -5.52 -40.95 -22.94
N GLY A 44 -6.45 -41.68 -23.54
CA GLY A 44 -7.48 -41.10 -24.39
C GLY A 44 -8.28 -39.96 -23.78
N ASP A 45 -8.48 -40.00 -22.46
CA ASP A 45 -9.33 -38.99 -21.80
C ASP A 45 -8.55 -37.85 -21.12
N PHE A 46 -7.25 -37.77 -21.39
CA PHE A 46 -6.42 -36.71 -20.80
C PHE A 46 -6.95 -35.35 -21.22
N LEU A 47 -6.93 -34.40 -20.28
CA LEU A 47 -7.47 -33.07 -20.53
C LEU A 47 -6.35 -32.08 -20.88
N PHE A 48 -6.45 -31.46 -22.05
CA PHE A 48 -5.50 -30.41 -22.42
C PHE A 48 -6.18 -29.04 -22.36
N GLY A 49 -5.48 -28.06 -21.78
CA GLY A 49 -6.06 -26.73 -21.66
C GLY A 49 -5.08 -25.60 -21.93
N VAL A 50 -5.60 -24.37 -21.88
CA VAL A 50 -4.78 -23.16 -21.84
C VAL A 50 -5.34 -22.26 -20.74
N ALA A 51 -4.52 -21.35 -20.22
CA ALA A 51 -4.91 -20.65 -19.01
C ALA A 51 -4.47 -19.19 -18.99
N THR A 52 -5.26 -18.36 -18.30
CA THR A 52 -4.97 -16.92 -18.17
C THR A 52 -5.33 -16.44 -16.75
N ALA A 53 -5.03 -15.18 -16.45
CA ALA A 53 -5.46 -14.56 -15.19
C ALA A 53 -6.07 -13.20 -15.51
N SER A 54 -7.05 -12.76 -14.72
CA SER A 54 -7.87 -11.58 -15.04
C SER A 54 -7.07 -10.29 -15.19
N PHE A 55 -6.24 -9.97 -14.20
CA PHE A 55 -5.50 -8.71 -14.23
C PHE A 55 -4.47 -8.70 -15.35
N GLN A 56 -3.98 -9.88 -15.71
CA GLN A 56 -2.94 -9.99 -16.73
C GLN A 56 -3.45 -9.72 -18.15
N ILE A 57 -4.75 -9.94 -18.41
CA ILE A 57 -5.23 -9.84 -19.80
C ILE A 57 -6.41 -8.90 -20.03
N GLU A 58 -7.20 -8.63 -18.99
CA GLU A 58 -8.49 -7.97 -19.20
C GLU A 58 -8.43 -6.50 -19.66
N GLY A 59 -7.59 -5.68 -19.03
CA GLY A 59 -7.66 -4.23 -19.22
C GLY A 59 -9.00 -3.70 -18.73
N ALA A 60 -9.45 -2.57 -19.27
CA ALA A 60 -10.76 -2.01 -18.89
C ALA A 60 -10.87 -1.87 -17.37
N THR A 61 -9.84 -1.33 -16.75
CA THR A 61 -9.79 -1.36 -15.29
C THR A 61 -10.75 -0.41 -14.61
N LYS A 62 -11.31 0.54 -15.36
CA LYS A 62 -12.21 1.53 -14.76
C LYS A 62 -13.61 1.58 -15.38
N VAL A 63 -14.06 0.49 -15.99
CA VAL A 63 -15.40 0.46 -16.58
C VAL A 63 -16.32 -0.51 -15.84
N ASP A 64 -17.63 -0.28 -16.02
CA ASP A 64 -18.66 -1.20 -15.52
C ASP A 64 -18.55 -1.46 -14.02
N GLY A 65 -18.16 -0.44 -13.26
CA GLY A 65 -18.19 -0.53 -11.81
C GLY A 65 -16.96 -1.12 -11.12
N ARG A 66 -15.97 -1.58 -11.89
CA ARG A 66 -14.72 -2.06 -11.29
C ARG A 66 -14.03 -0.96 -10.48
N LYS A 67 -13.57 -1.30 -9.28
CA LYS A 67 -12.75 -0.38 -8.48
C LYS A 67 -11.33 -0.96 -8.38
N PRO A 68 -10.34 -0.14 -7.97
CA PRO A 68 -8.95 -0.60 -8.06
C PRO A 68 -8.61 -1.81 -7.20
N SER A 69 -7.62 -2.58 -7.66
CA SER A 69 -7.11 -3.71 -6.90
C SER A 69 -5.78 -3.29 -6.32
N ILE A 70 -5.21 -4.11 -5.45
CA ILE A 70 -3.88 -3.84 -4.92
C ILE A 70 -2.78 -3.81 -6.01
N TRP A 71 -3.04 -4.46 -7.13
CA TRP A 71 -2.08 -4.43 -8.25
C TRP A 71 -2.16 -3.13 -9.07
N ASP A 72 -3.34 -2.51 -9.13
CA ASP A 72 -3.42 -1.17 -9.72
C ASP A 72 -2.52 -0.22 -8.93
N ALA A 73 -2.65 -0.26 -7.60
CA ALA A 73 -1.81 0.61 -6.75
C ALA A 73 -0.32 0.28 -6.88
N PHE A 74 0.02 -1.01 -6.85
CA PHE A 74 1.40 -1.46 -6.92
C PHE A 74 2.06 -1.02 -8.22
N CYS A 75 1.34 -1.17 -9.33
CA CYS A 75 1.85 -0.79 -10.65
C CYS A 75 2.14 0.70 -10.75
N ASN A 76 1.22 1.50 -10.22
CA ASN A 76 1.27 2.93 -10.45
C ASN A 76 2.20 3.66 -9.49
N MET A 77 2.67 2.97 -8.46
CA MET A 77 3.65 3.56 -7.56
C MET A 77 5.04 3.20 -8.06
N PRO A 78 5.82 4.23 -8.45
CA PRO A 78 7.18 4.02 -8.99
C PRO A 78 8.01 3.11 -8.08
N GLY A 79 8.74 2.18 -8.68
CA GLY A 79 9.64 1.32 -7.94
C GLY A 79 9.23 -0.15 -7.85
N HIS A 80 7.98 -0.48 -8.11
CA HIS A 80 7.51 -1.86 -7.93
C HIS A 80 7.48 -2.70 -9.21
N VAL A 81 7.14 -2.05 -10.33
CA VAL A 81 6.92 -2.78 -11.56
C VAL A 81 7.72 -2.13 -12.69
N PHE A 82 8.40 -2.96 -13.49
CA PHE A 82 9.18 -2.47 -14.64
C PHE A 82 8.41 -1.46 -15.49
N GLY A 83 9.05 -0.31 -15.76
CA GLY A 83 8.49 0.72 -16.61
C GLY A 83 7.21 1.37 -16.09
N ARG A 84 6.86 1.10 -14.83
CA ARG A 84 5.55 1.46 -14.28
C ARG A 84 4.39 0.95 -15.12
N HIS A 85 4.62 -0.17 -15.83
CA HIS A 85 3.57 -0.78 -16.63
C HIS A 85 2.39 -1.13 -15.73
N ASN A 86 1.19 -1.00 -16.28
CA ASN A 86 -0.01 -1.31 -15.49
C ASN A 86 -1.01 -2.16 -16.26
N GLY A 87 -2.16 -2.43 -15.64
CA GLY A 87 -3.13 -3.32 -16.25
C GLY A 87 -4.27 -2.63 -16.97
N ASP A 88 -4.13 -1.31 -17.19
CA ASP A 88 -5.20 -0.49 -17.79
C ASP A 88 -5.68 -1.04 -19.12
N VAL A 89 -4.76 -1.53 -19.94
CA VAL A 89 -5.11 -1.99 -21.28
C VAL A 89 -4.86 -3.49 -21.45
N ALA A 90 -3.66 -3.92 -21.05
CA ALA A 90 -3.25 -5.31 -21.18
C ALA A 90 -3.52 -5.85 -22.59
N CYS A 91 -4.19 -6.99 -22.66
CA CYS A 91 -4.54 -7.56 -23.95
C CYS A 91 -5.96 -7.19 -24.36
N ASP A 92 -6.55 -6.24 -23.63
CA ASP A 92 -7.91 -5.78 -23.93
C ASP A 92 -8.92 -6.93 -24.06
N HIS A 93 -8.73 -7.98 -23.26
CA HIS A 93 -9.57 -9.18 -23.29
C HIS A 93 -11.02 -8.90 -22.88
N TYR A 94 -11.21 -7.93 -21.99
CA TYR A 94 -12.56 -7.53 -21.59
C TYR A 94 -13.43 -7.22 -22.80
N ASN A 95 -12.84 -6.57 -23.80
CA ASN A 95 -13.57 -6.26 -25.02
C ASN A 95 -13.41 -7.29 -26.13
N ARG A 96 -12.33 -8.08 -26.09
CA ARG A 96 -12.06 -9.01 -27.19
C ARG A 96 -12.22 -10.48 -26.78
N TRP A 97 -12.99 -10.73 -25.72
CA TRP A 97 -13.10 -12.09 -25.16
C TRP A 97 -13.63 -13.13 -26.14
N GLU A 98 -14.61 -12.73 -26.95
CA GLU A 98 -15.18 -13.63 -27.94
C GLU A 98 -14.17 -14.07 -28.97
N ASP A 99 -13.34 -13.16 -29.46
CA ASP A 99 -12.29 -13.50 -30.39
C ASP A 99 -11.27 -14.47 -29.79
N ASP A 100 -10.94 -14.24 -28.54
CA ASP A 100 -10.03 -15.12 -27.82
C ASP A 100 -10.58 -16.52 -27.59
N LEU A 101 -11.88 -16.63 -27.28
CA LEU A 101 -12.51 -17.95 -27.13
C LEU A 101 -12.51 -18.67 -28.47
N ASP A 102 -12.76 -17.92 -29.54
CA ASP A 102 -12.76 -18.49 -30.89
C ASP A 102 -11.40 -19.07 -31.22
N LEU A 103 -10.35 -18.40 -30.76
CA LEU A 103 -8.98 -18.84 -30.97
C LEU A 103 -8.75 -20.18 -30.26
N ILE A 104 -9.18 -20.26 -29.01
CA ILE A 104 -9.11 -21.51 -28.26
C ILE A 104 -9.81 -22.63 -29.03
N LYS A 105 -11.04 -22.36 -29.44
CA LYS A 105 -11.87 -23.30 -30.19
C LYS A 105 -11.15 -23.78 -31.45
N GLU A 106 -10.60 -22.84 -32.22
CA GLU A 106 -9.85 -23.17 -33.43
C GLU A 106 -8.57 -23.97 -33.13
N MET A 107 -7.95 -23.74 -31.98
CA MET A 107 -6.77 -24.51 -31.60
C MET A 107 -7.13 -25.95 -31.24
N GLY A 108 -8.43 -26.21 -31.07
CA GLY A 108 -8.91 -27.53 -30.70
C GLY A 108 -8.55 -27.94 -29.28
N VAL A 109 -8.32 -26.96 -28.41
CA VAL A 109 -7.96 -27.23 -27.02
C VAL A 109 -9.21 -27.47 -26.17
N GLU A 110 -9.26 -28.57 -25.42
CA GLU A 110 -10.51 -28.91 -24.67
C GLU A 110 -10.93 -27.93 -23.56
N ALA A 111 -9.97 -27.45 -22.76
CA ALA A 111 -10.30 -26.66 -21.57
C ALA A 111 -9.69 -25.25 -21.53
N TYR A 112 -10.43 -24.33 -20.91
CA TYR A 112 -9.96 -22.96 -20.69
C TYR A 112 -9.97 -22.69 -19.19
N ARG A 113 -8.83 -22.28 -18.66
CA ARG A 113 -8.75 -21.90 -17.26
C ARG A 113 -8.54 -20.39 -17.19
N PHE A 114 -9.40 -19.71 -16.44
CA PHE A 114 -9.32 -18.26 -16.33
C PHE A 114 -9.57 -17.86 -14.88
N SER A 115 -9.22 -16.63 -14.49
CA SER A 115 -9.57 -16.18 -13.15
C SER A 115 -10.63 -15.10 -13.19
N ILE A 116 -11.30 -14.90 -12.06
CA ILE A 116 -12.36 -13.92 -11.99
C ILE A 116 -11.91 -12.74 -11.14
N ALA A 117 -12.20 -11.53 -11.62
CA ALA A 117 -11.74 -10.33 -10.93
C ALA A 117 -12.70 -9.95 -9.80
N TRP A 118 -12.31 -10.26 -8.58
CA TRP A 118 -13.03 -9.78 -7.41
C TRP A 118 -13.36 -8.28 -7.47
N PRO A 119 -12.40 -7.43 -7.92
CA PRO A 119 -12.74 -5.99 -7.98
C PRO A 119 -13.87 -5.67 -8.96
N ARG A 120 -14.21 -6.59 -9.86
CA ARG A 120 -15.39 -6.40 -10.71
C ARG A 120 -16.69 -6.89 -10.04
N ILE A 121 -16.59 -7.89 -9.17
CA ILE A 121 -17.79 -8.53 -8.63
C ILE A 121 -18.28 -7.83 -7.36
N ILE A 122 -17.35 -7.55 -6.46
CA ILE A 122 -17.63 -6.80 -5.24
C ILE A 122 -16.53 -5.75 -5.08
N PRO A 123 -16.67 -4.61 -5.78
CA PRO A 123 -15.61 -3.60 -6.01
C PRO A 123 -14.90 -3.10 -4.75
N ASP A 124 -15.61 -3.04 -3.62
CA ASP A 124 -15.02 -2.60 -2.35
C ASP A 124 -14.59 -3.76 -1.46
N GLY A 125 -14.60 -4.97 -1.99
CA GLY A 125 -14.19 -6.14 -1.22
C GLY A 125 -15.37 -6.66 -0.43
N PHE A 126 -15.81 -5.86 0.52
CA PHE A 126 -17.12 -6.02 1.12
C PHE A 126 -18.07 -5.09 0.36
N GLY A 127 -19.34 -5.04 0.77
CA GLY A 127 -20.27 -4.08 0.19
C GLY A 127 -21.16 -4.63 -0.91
N PRO A 128 -21.82 -3.72 -1.66
CA PRO A 128 -22.82 -4.09 -2.69
C PRO A 128 -22.21 -5.00 -3.76
N ILE A 129 -22.99 -5.98 -4.25
CA ILE A 129 -22.56 -6.83 -5.35
C ILE A 129 -22.71 -6.05 -6.67
N ASN A 130 -21.68 -6.06 -7.50
CA ASN A 130 -21.75 -5.41 -8.81
C ASN A 130 -22.26 -6.36 -9.92
N GLU A 131 -23.56 -6.33 -10.16
CA GLU A 131 -24.19 -7.19 -11.13
C GLU A 131 -23.54 -7.19 -12.53
N LYS A 132 -23.24 -6.01 -13.02
CA LYS A 132 -22.50 -5.81 -14.28
C LYS A 132 -21.21 -6.63 -14.35
N GLY A 133 -20.50 -6.68 -13.22
CA GLY A 133 -19.29 -7.48 -13.12
C GLY A 133 -19.62 -8.95 -13.31
N LEU A 134 -20.59 -9.45 -12.54
CA LEU A 134 -21.05 -10.82 -12.68
C LEU A 134 -21.50 -11.14 -14.12
N ASP A 135 -22.19 -10.18 -14.76
CA ASP A 135 -22.64 -10.38 -16.15
C ASP A 135 -21.53 -10.74 -17.12
N PHE A 136 -20.37 -10.11 -16.94
CA PHE A 136 -19.25 -10.37 -17.84
C PHE A 136 -18.85 -11.85 -17.82
N TYR A 137 -18.68 -12.42 -16.62
CA TYR A 137 -18.23 -13.80 -16.51
C TYR A 137 -19.35 -14.78 -16.80
N ASP A 138 -20.57 -14.35 -16.51
CA ASP A 138 -21.76 -15.09 -16.95
C ASP A 138 -21.75 -15.26 -18.48
N ARG A 139 -21.55 -14.17 -19.21
CA ARG A 139 -21.51 -14.25 -20.67
C ARG A 139 -20.28 -15.03 -21.15
N LEU A 140 -19.16 -14.88 -20.47
CA LEU A 140 -17.94 -15.60 -20.84
C LEU A 140 -18.14 -17.13 -20.71
N VAL A 141 -18.70 -17.58 -19.59
CA VAL A 141 -18.94 -19.01 -19.40
C VAL A 141 -19.96 -19.54 -20.43
N ASP A 142 -21.00 -18.75 -20.70
CA ASP A 142 -21.94 -19.09 -21.78
C ASP A 142 -21.24 -19.23 -23.12
N GLY A 143 -20.26 -18.38 -23.39
CA GLY A 143 -19.56 -18.45 -24.65
C GLY A 143 -18.71 -19.71 -24.71
N CYS A 144 -18.19 -20.14 -23.56
CA CYS A 144 -17.36 -21.35 -23.52
C CYS A 144 -18.23 -22.59 -23.73
N LYS A 145 -19.38 -22.62 -23.04
CA LYS A 145 -20.32 -23.74 -23.18
C LYS A 145 -20.79 -23.84 -24.61
N ALA A 146 -21.15 -22.70 -25.21
CA ALA A 146 -21.58 -22.67 -26.61
C ALA A 146 -20.51 -23.19 -27.55
N ARG A 147 -19.24 -23.09 -27.14
CA ARG A 147 -18.14 -23.56 -27.97
C ARG A 147 -17.63 -24.97 -27.61
N GLY A 148 -18.21 -25.60 -26.58
CA GLY A 148 -17.74 -26.91 -26.17
C GLY A 148 -16.42 -26.84 -25.41
N ILE A 149 -16.07 -25.66 -24.92
CA ILE A 149 -14.85 -25.51 -24.12
C ILE A 149 -15.16 -25.70 -22.62
N LYS A 150 -14.43 -26.60 -21.96
CA LYS A 150 -14.57 -26.83 -20.52
C LYS A 150 -14.04 -25.66 -19.73
N THR A 151 -14.77 -25.24 -18.71
CA THR A 151 -14.39 -24.06 -17.93
C THR A 151 -13.85 -24.40 -16.55
N TYR A 152 -12.60 -23.96 -16.31
CA TYR A 152 -11.99 -24.09 -15.01
C TYR A 152 -11.80 -22.67 -14.46
N ALA A 153 -12.59 -22.27 -13.48
CA ALA A 153 -12.48 -20.92 -12.91
C ALA A 153 -11.59 -20.86 -11.67
N THR A 154 -10.70 -19.86 -11.64
CA THR A 154 -9.95 -19.51 -10.44
C THR A 154 -10.59 -18.28 -9.77
N LEU A 155 -10.99 -18.39 -8.51
CA LEU A 155 -11.68 -17.26 -7.86
C LEU A 155 -10.73 -16.11 -7.50
N TYR A 156 -9.51 -16.45 -7.12
CA TYR A 156 -8.53 -15.42 -6.71
C TYR A 156 -7.16 -15.65 -7.33
N HIS A 157 -6.78 -14.76 -8.24
CA HIS A 157 -5.42 -14.78 -8.81
C HIS A 157 -4.79 -13.39 -8.56
N TRP A 158 -4.81 -13.00 -7.28
CA TRP A 158 -3.99 -11.93 -6.72
C TRP A 158 -4.58 -10.52 -6.77
N ASP A 159 -5.72 -10.34 -7.44
CA ASP A 159 -6.24 -8.97 -7.59
C ASP A 159 -7.19 -8.54 -6.46
N LEU A 160 -6.67 -8.42 -5.25
CA LEU A 160 -7.49 -8.03 -4.10
C LEU A 160 -8.03 -6.60 -4.24
N PRO A 161 -9.34 -6.41 -4.00
CA PRO A 161 -9.90 -5.06 -4.01
C PRO A 161 -9.11 -4.14 -3.07
N LEU A 162 -8.71 -2.96 -3.58
CA LEU A 162 -7.84 -2.09 -2.81
C LEU A 162 -8.47 -1.71 -1.47
N THR A 163 -9.78 -1.49 -1.47
CA THR A 163 -10.47 -1.06 -0.24
C THR A 163 -10.24 -1.98 0.96
N LEU A 164 -10.06 -3.28 0.71
CA LEU A 164 -9.81 -4.21 1.82
C LEU A 164 -8.49 -3.92 2.55
N MET A 165 -7.57 -3.18 1.90
CA MET A 165 -6.33 -2.80 2.60
C MET A 165 -6.60 -1.91 3.81
N GLY A 166 -7.76 -1.23 3.83
CA GLY A 166 -8.13 -0.36 4.94
C GLY A 166 -8.17 -1.10 6.27
N ASP A 167 -8.63 -2.35 6.25
CA ASP A 167 -8.67 -3.19 7.44
C ASP A 167 -7.39 -3.97 7.66
N GLY A 168 -6.43 -3.84 6.74
CA GLY A 168 -5.17 -4.56 6.88
C GLY A 168 -4.99 -5.66 5.85
N GLY A 169 -5.91 -5.75 4.92
CA GLY A 169 -5.83 -6.74 3.86
C GLY A 169 -5.78 -8.19 4.31
N TRP A 170 -4.86 -8.96 3.72
CA TRP A 170 -4.79 -10.38 4.08
C TRP A 170 -4.31 -10.55 5.51
N ALA A 171 -3.76 -9.49 6.07
CA ALA A 171 -3.30 -9.52 7.46
C ALA A 171 -4.48 -9.46 8.44
N SER A 172 -5.69 -9.20 7.92
CA SER A 172 -6.88 -9.19 8.78
C SER A 172 -7.78 -10.38 8.48
N ARG A 173 -8.16 -11.11 9.53
CA ARG A 173 -9.03 -12.28 9.40
C ARG A 173 -10.34 -11.94 8.68
N SER A 174 -10.82 -10.71 8.82
CA SER A 174 -12.07 -10.28 8.18
C SER A 174 -12.01 -10.43 6.65
N THR A 175 -10.82 -10.26 6.08
CA THR A 175 -10.63 -10.35 4.64
C THR A 175 -10.98 -11.77 4.17
N ALA A 176 -10.71 -12.76 5.02
CA ALA A 176 -11.07 -14.13 4.67
C ALA A 176 -12.59 -14.28 4.52
N HIS A 177 -13.36 -13.61 5.39
CA HIS A 177 -14.81 -13.64 5.29
C HIS A 177 -15.31 -12.84 4.09
N ALA A 178 -14.60 -11.76 3.73
CA ALA A 178 -14.94 -11.02 2.51
C ALA A 178 -14.75 -11.91 1.27
N PHE A 179 -13.68 -12.69 1.23
CA PHE A 179 -13.46 -13.64 0.13
C PHE A 179 -14.57 -14.70 0.08
N GLN A 180 -14.92 -15.20 1.26
CA GLN A 180 -15.94 -16.23 1.44
C GLN A 180 -17.26 -15.82 0.82
N ARG A 181 -17.62 -14.58 1.08
CA ARG A 181 -18.87 -14.02 0.58
C ARG A 181 -18.78 -13.83 -0.94
N TYR A 182 -17.61 -13.41 -1.40
CA TYR A 182 -17.38 -13.23 -2.83
C TYR A 182 -17.47 -14.59 -3.56
N ALA A 183 -16.83 -15.61 -2.99
CA ALA A 183 -16.85 -16.95 -3.56
C ALA A 183 -18.28 -17.47 -3.70
N LYS A 184 -19.07 -17.29 -2.63
CA LYS A 184 -20.46 -17.71 -2.62
C LYS A 184 -21.26 -17.02 -3.73
N THR A 185 -21.10 -15.70 -3.81
CA THR A 185 -21.80 -14.89 -4.81
C THR A 185 -21.48 -15.36 -6.24
N VAL A 186 -20.20 -15.64 -6.48
CA VAL A 186 -19.77 -16.05 -7.81
C VAL A 186 -20.37 -17.41 -8.17
N MET A 187 -20.20 -18.37 -7.26
CA MET A 187 -20.66 -19.73 -7.54
C MET A 187 -22.18 -19.85 -7.63
N ALA A 188 -22.90 -19.01 -6.89
CA ALA A 188 -24.36 -18.98 -7.02
C ALA A 188 -24.82 -18.59 -8.43
N ARG A 189 -24.03 -17.76 -9.11
CA ARG A 189 -24.36 -17.35 -10.48
C ARG A 189 -23.82 -18.31 -11.56
N LEU A 190 -22.58 -18.78 -11.39
CA LEU A 190 -21.89 -19.57 -12.43
C LEU A 190 -21.90 -21.09 -12.21
N GLY A 191 -22.27 -21.52 -11.01
CA GLY A 191 -22.13 -22.90 -10.61
C GLY A 191 -22.90 -23.92 -11.46
N ASP A 192 -23.91 -23.45 -12.17
CA ASP A 192 -24.71 -24.36 -12.98
C ASP A 192 -23.98 -24.76 -14.26
N ARG A 193 -22.90 -24.07 -14.59
CA ARG A 193 -22.22 -24.33 -15.87
C ARG A 193 -20.70 -24.63 -15.79
N LEU A 194 -20.04 -24.17 -14.73
CA LEU A 194 -18.60 -24.42 -14.58
C LEU A 194 -18.26 -25.90 -14.47
N ASP A 195 -17.17 -26.30 -15.09
CA ASP A 195 -16.68 -27.68 -14.95
C ASP A 195 -15.83 -27.91 -13.69
N ALA A 196 -15.14 -26.87 -13.21
CA ALA A 196 -14.32 -27.01 -12.02
C ALA A 196 -14.10 -25.61 -11.47
N VAL A 197 -13.71 -25.51 -10.20
CA VAL A 197 -13.38 -24.21 -9.68
C VAL A 197 -12.20 -24.38 -8.75
N ALA A 198 -11.27 -23.42 -8.77
CA ALA A 198 -10.21 -23.39 -7.78
C ALA A 198 -10.41 -22.12 -6.97
N THR A 199 -10.14 -22.20 -5.68
CA THR A 199 -10.30 -21.03 -4.82
C THR A 199 -9.17 -20.04 -5.07
N PHE A 200 -7.94 -20.48 -4.82
CA PHE A 200 -6.76 -19.61 -4.98
C PHE A 200 -5.76 -20.17 -6.00
N ASN A 201 -5.03 -19.25 -6.63
CA ASN A 201 -3.86 -19.61 -7.42
C ASN A 201 -2.61 -19.15 -6.67
N SER A 202 -1.75 -20.09 -6.27
CA SER A 202 -0.43 -19.77 -5.70
C SER A 202 -0.45 -18.92 -4.42
N PRO A 203 -0.88 -19.53 -3.30
CA PRO A 203 -0.74 -18.93 -1.98
C PRO A 203 0.69 -18.46 -1.71
N TRP A 204 1.69 -19.26 -2.08
CA TRP A 204 3.09 -18.87 -1.88
C TRP A 204 3.36 -17.44 -2.35
N CYS A 205 2.88 -17.11 -3.56
CA CYS A 205 3.05 -15.76 -4.09
C CYS A 205 2.24 -14.70 -3.33
N ALA A 206 0.97 -14.98 -3.07
CA ALA A 206 0.13 -13.99 -2.36
C ALA A 206 0.57 -13.77 -0.90
N VAL A 207 1.25 -14.77 -0.35
CA VAL A 207 1.71 -14.73 1.05
C VAL A 207 3.15 -14.24 1.19
N TRP A 208 4.13 -15.10 0.89
CA TRP A 208 5.53 -14.74 1.11
C TRP A 208 6.05 -13.69 0.11
N LEU A 209 5.78 -13.89 -1.17
CA LEU A 209 6.31 -12.96 -2.19
C LEU A 209 5.70 -11.57 -2.03
N SER A 210 4.49 -11.51 -1.46
CA SER A 210 3.76 -10.24 -1.31
C SER A 210 3.92 -9.56 0.05
N HIS A 211 4.24 -10.34 1.09
CA HIS A 211 4.22 -9.80 2.47
C HIS A 211 5.54 -9.98 3.22
N LEU A 212 6.40 -10.87 2.72
CA LEU A 212 7.72 -11.07 3.32
C LEU A 212 8.82 -10.54 2.41
N TYR A 213 8.77 -10.87 1.12
CA TYR A 213 9.81 -10.46 0.18
C TYR A 213 9.61 -9.08 -0.48
N GLY A 214 8.38 -8.58 -0.46
CA GLY A 214 8.10 -7.25 -1.01
C GLY A 214 8.07 -7.14 -2.54
N ILE A 215 8.03 -8.28 -3.23
CA ILE A 215 8.13 -8.31 -4.69
C ILE A 215 6.78 -8.16 -5.39
N HIS A 216 5.74 -8.67 -4.76
CA HIS A 216 4.39 -8.59 -5.32
C HIS A 216 3.48 -7.75 -4.41
N ALA A 217 2.36 -7.27 -4.93
CA ALA A 217 1.43 -6.44 -4.13
C ALA A 217 0.89 -7.19 -2.90
N PRO A 218 0.77 -6.50 -1.75
CA PRO A 218 0.93 -5.06 -1.55
C PRO A 218 2.36 -4.64 -1.22
N GLY A 219 3.31 -5.57 -1.30
CA GLY A 219 4.72 -5.22 -1.25
C GLY A 219 5.30 -5.06 0.13
N GLU A 220 4.77 -5.80 1.11
CA GLU A 220 5.27 -5.72 2.48
C GLU A 220 6.46 -6.66 2.69
N ARG A 221 7.28 -6.34 3.70
CA ARG A 221 8.42 -7.17 4.08
C ARG A 221 8.41 -7.38 5.60
N ASN A 222 7.41 -8.10 6.08
CA ASN A 222 7.21 -8.22 7.51
C ASN A 222 6.64 -9.57 7.86
N MET A 223 7.41 -10.33 8.64
CA MET A 223 7.05 -11.70 8.96
C MET A 223 5.70 -11.81 9.66
N GLU A 224 5.40 -10.85 10.53
CA GLU A 224 4.13 -10.87 11.25
C GLU A 224 3.00 -10.69 10.24
N ALA A 225 3.18 -9.74 9.33
CA ALA A 225 2.20 -9.51 8.25
C ALA A 225 2.01 -10.77 7.41
N ALA A 226 3.13 -11.42 7.10
CA ALA A 226 3.15 -12.58 6.22
C ALA A 226 2.47 -13.79 6.84
N LEU A 227 2.70 -14.01 8.14
CA LEU A 227 2.12 -15.14 8.86
C LEU A 227 0.61 -14.97 9.00
N ALA A 228 0.18 -13.72 9.17
CA ALA A 228 -1.25 -13.41 9.16
C ALA A 228 -1.85 -13.71 7.79
N ALA A 229 -1.20 -13.23 6.73
CA ALA A 229 -1.63 -13.50 5.37
C ALA A 229 -1.72 -15.02 5.15
N MET A 230 -0.68 -15.71 5.60
CA MET A 230 -0.57 -17.16 5.46
C MET A 230 -1.81 -17.86 6.01
N HIS A 231 -2.13 -17.59 7.27
CA HIS A 231 -3.25 -18.28 7.90
C HIS A 231 -4.59 -17.86 7.31
N HIS A 232 -4.72 -16.58 6.99
CA HIS A 232 -6.01 -16.06 6.50
C HIS A 232 -6.29 -16.49 5.07
N ILE A 233 -5.24 -16.70 4.27
CA ILE A 233 -5.43 -17.27 2.93
C ILE A 233 -5.73 -18.77 3.01
N ASN A 234 -5.05 -19.49 3.90
CA ASN A 234 -5.41 -20.89 4.13
C ASN A 234 -6.88 -20.95 4.55
N LEU A 235 -7.24 -20.07 5.47
CA LEU A 235 -8.62 -20.00 5.99
C LEU A 235 -9.62 -19.61 4.92
N ALA A 236 -9.32 -18.56 4.16
CA ALA A 236 -10.17 -18.15 3.04
C ALA A 236 -10.38 -19.30 2.05
N HIS A 237 -9.34 -20.08 1.83
CA HIS A 237 -9.47 -21.24 0.96
C HIS A 237 -10.56 -22.19 1.46
N GLY A 238 -10.49 -22.55 2.75
CA GLY A 238 -11.49 -23.42 3.34
C GLY A 238 -12.90 -22.84 3.29
N PHE A 239 -13.03 -21.56 3.64
CA PHE A 239 -14.30 -20.85 3.51
C PHE A 239 -14.84 -21.00 2.09
N GLY A 240 -13.99 -20.79 1.10
CA GLY A 240 -14.39 -20.91 -0.30
C GLY A 240 -14.87 -22.29 -0.66
N VAL A 241 -14.19 -23.32 -0.14
CA VAL A 241 -14.61 -24.69 -0.40
C VAL A 241 -16.03 -24.91 0.10
N GLU A 242 -16.29 -24.53 1.36
CA GLU A 242 -17.62 -24.68 1.92
C GLU A 242 -18.67 -23.86 1.17
N ALA A 243 -18.31 -22.62 0.82
CA ALA A 243 -19.26 -21.72 0.14
C ALA A 243 -19.61 -22.25 -1.25
N SER A 244 -18.59 -22.70 -1.97
CA SER A 244 -18.82 -23.28 -3.30
C SER A 244 -19.78 -24.48 -3.26
N ARG A 245 -19.50 -25.44 -2.38
CA ARG A 245 -20.33 -26.63 -2.29
C ARG A 245 -21.75 -26.36 -1.76
N HIS A 246 -21.89 -25.32 -0.92
CA HIS A 246 -23.19 -24.94 -0.37
C HIS A 246 -24.14 -24.56 -1.49
N VAL A 247 -23.65 -23.77 -2.44
CA VAL A 247 -24.49 -23.21 -3.48
C VAL A 247 -24.30 -23.84 -4.85
N ALA A 248 -23.25 -24.64 -5.03
CA ALA A 248 -23.06 -25.39 -6.29
C ALA A 248 -22.38 -26.72 -6.03
N PRO A 249 -23.09 -27.64 -5.36
CA PRO A 249 -22.49 -28.89 -4.87
C PRO A 249 -21.94 -29.76 -6.02
N LYS A 250 -22.46 -29.58 -7.23
CA LYS A 250 -22.01 -30.33 -8.41
C LYS A 250 -20.58 -29.99 -8.89
N VAL A 251 -20.08 -28.80 -8.56
CA VAL A 251 -18.79 -28.39 -9.12
C VAL A 251 -17.59 -28.96 -8.31
N PRO A 252 -16.69 -29.68 -9.01
CA PRO A 252 -15.44 -30.16 -8.41
C PRO A 252 -14.59 -28.99 -7.89
N VAL A 253 -14.13 -29.07 -6.63
CA VAL A 253 -13.40 -27.96 -6.03
C VAL A 253 -11.92 -28.29 -5.84
N GLY A 254 -11.06 -27.33 -6.17
CA GLY A 254 -9.63 -27.53 -6.06
C GLY A 254 -8.91 -26.33 -5.48
N LEU A 255 -7.59 -26.43 -5.45
CA LEU A 255 -6.74 -25.34 -5.02
C LEU A 255 -5.53 -25.44 -5.92
N VAL A 256 -5.03 -24.31 -6.41
CA VAL A 256 -3.89 -24.32 -7.33
C VAL A 256 -2.66 -23.85 -6.59
N LEU A 257 -1.61 -24.67 -6.56
CA LEU A 257 -0.42 -24.28 -5.80
C LEU A 257 0.88 -24.38 -6.58
N ASN A 258 1.71 -23.34 -6.49
CA ASN A 258 3.07 -23.48 -6.99
C ASN A 258 3.97 -24.17 -5.96
N ALA A 259 3.82 -25.49 -5.88
CA ALA A 259 4.69 -26.28 -5.01
C ALA A 259 6.12 -26.21 -5.56
N HIS A 260 7.08 -25.90 -4.69
CA HIS A 260 8.45 -25.78 -5.13
C HIS A 260 9.18 -27.12 -5.10
N SER A 261 9.92 -27.40 -6.18
CA SER A 261 10.73 -28.61 -6.22
C SER A 261 12.05 -28.31 -5.49
N VAL A 262 12.10 -28.66 -4.21
CA VAL A 262 13.28 -28.37 -3.38
C VAL A 262 14.37 -29.42 -3.60
N ILE A 263 15.50 -28.99 -4.14
CA ILE A 263 16.61 -29.90 -4.37
C ILE A 263 17.85 -29.45 -3.60
N PRO A 264 18.26 -30.23 -2.59
CA PRO A 264 19.44 -29.90 -1.79
C PRO A 264 20.70 -29.91 -2.66
N ALA A 265 21.66 -29.05 -2.33
CA ALA A 265 22.93 -28.99 -3.04
C ALA A 265 23.74 -30.29 -2.91
N SER A 266 23.57 -31.00 -1.79
CA SER A 266 24.28 -32.25 -1.53
C SER A 266 23.46 -33.14 -0.60
N ASN A 267 23.94 -34.36 -0.35
CA ASN A 267 23.28 -35.25 0.61
C ASN A 267 23.91 -35.23 1.99
N SER A 268 24.69 -34.20 2.30
CA SER A 268 25.19 -34.01 3.65
C SER A 268 24.00 -33.82 4.58
N ASP A 269 24.12 -34.29 5.82
CA ASP A 269 23.07 -34.14 6.81
C ASP A 269 22.62 -32.67 6.92
N ALA A 270 23.55 -31.73 6.76
CA ALA A 270 23.21 -30.31 6.89
C ALA A 270 22.34 -29.78 5.72
N ASP A 271 22.62 -30.16 4.50
CA ASP A 271 21.81 -29.77 3.39
C ASP A 271 20.51 -30.43 3.35
N MET A 272 20.53 -31.69 3.74
CA MET A 272 19.29 -32.46 3.81
C MET A 272 18.30 -31.83 4.80
N LYS A 273 18.80 -31.36 5.93
CA LYS A 273 17.94 -30.69 6.92
C LYS A 273 17.44 -29.36 6.37
N ALA A 274 18.32 -28.65 5.66
CA ALA A 274 17.96 -27.40 4.98
C ALA A 274 16.79 -27.61 4.01
N ALA A 275 16.89 -28.63 3.18
CA ALA A 275 15.88 -28.96 2.19
C ALA A 275 14.51 -29.20 2.83
N GLU A 276 14.50 -29.90 3.97
CA GLU A 276 13.28 -30.15 4.72
C GLU A 276 12.68 -28.87 5.33
N ARG A 277 13.53 -28.01 5.87
CA ARG A 277 13.06 -26.71 6.39
C ARG A 277 12.49 -25.90 5.22
N ALA A 278 13.19 -25.92 4.09
CA ALA A 278 12.73 -25.19 2.90
C ALA A 278 11.37 -25.73 2.48
N PHE A 279 11.22 -27.05 2.49
CA PHE A 279 9.96 -27.67 2.11
C PHE A 279 8.82 -27.24 3.03
N GLN A 280 9.06 -27.28 4.34
CA GLN A 280 8.03 -26.90 5.32
C GLN A 280 7.54 -25.47 5.10
N PHE A 281 8.48 -24.55 4.90
CA PHE A 281 8.17 -23.13 4.78
C PHE A 281 7.53 -22.77 3.45
N HIS A 282 8.08 -23.30 2.35
CA HIS A 282 7.65 -22.90 1.01
C HIS A 282 6.45 -23.71 0.51
N ASN A 283 6.38 -24.97 0.93
CA ASN A 283 5.28 -25.85 0.57
C ASN A 283 4.36 -26.21 1.75
N GLY A 284 4.96 -26.68 2.85
CA GLY A 284 4.21 -27.19 3.98
C GLY A 284 3.30 -26.18 4.67
N ALA A 285 3.68 -24.91 4.62
CA ALA A 285 2.83 -23.81 5.08
C ALA A 285 1.41 -23.89 4.51
N PHE A 286 1.29 -24.53 3.35
CA PHE A 286 0.01 -24.61 2.67
C PHE A 286 -0.53 -26.04 2.54
N PHE A 287 0.34 -26.97 2.13
CA PHE A 287 -0.03 -28.39 2.00
C PHE A 287 -0.39 -29.06 3.32
N ASP A 288 0.37 -28.77 4.39
CA ASP A 288 0.04 -29.39 5.67
C ASP A 288 -1.33 -28.97 6.24
N PRO A 289 -1.64 -27.66 6.26
CA PRO A 289 -3.00 -27.34 6.76
C PRO A 289 -4.10 -27.89 5.86
N VAL A 290 -3.91 -27.78 4.55
CA VAL A 290 -4.95 -28.21 3.62
C VAL A 290 -5.12 -29.73 3.57
N PHE A 291 -4.02 -30.46 3.64
CA PHE A 291 -4.09 -31.90 3.40
C PHE A 291 -3.83 -32.75 4.64
N LYS A 292 -3.37 -32.13 5.73
CA LYS A 292 -3.16 -32.84 6.99
C LYS A 292 -3.81 -32.16 8.20
N GLY A 293 -4.43 -30.99 7.99
CA GLY A 293 -5.11 -30.32 9.07
C GLY A 293 -4.20 -29.80 10.17
N GLU A 294 -2.93 -29.54 9.86
CA GLU A 294 -2.02 -28.96 10.83
C GLU A 294 -0.92 -28.19 10.11
N TYR A 295 -0.16 -27.37 10.84
CA TYR A 295 1.01 -26.70 10.27
C TYR A 295 2.25 -27.57 10.53
N PRO A 296 3.32 -27.37 9.73
CA PRO A 296 4.57 -28.15 9.94
C PRO A 296 5.13 -27.86 11.31
N ALA A 297 5.66 -28.88 12.00
CA ALA A 297 6.06 -28.70 13.40
C ALA A 297 7.27 -27.79 13.58
N GLU A 298 8.35 -28.04 12.82
CA GLU A 298 9.57 -27.22 12.96
C GLU A 298 9.33 -25.78 12.56
N MET A 299 8.44 -25.57 11.59
CA MET A 299 8.05 -24.21 11.23
C MET A 299 7.30 -23.53 12.40
N ILE A 300 6.43 -24.26 13.07
CA ILE A 300 5.71 -23.71 14.21
C ILE A 300 6.66 -23.32 15.34
N GLU A 301 7.60 -24.20 15.64
CA GLU A 301 8.61 -23.95 16.66
C GLU A 301 9.32 -22.62 16.46
N ALA A 302 9.61 -22.30 15.20
CA ALA A 302 10.34 -21.08 14.88
C ALA A 302 9.44 -19.86 14.65
N LEU A 303 8.20 -20.11 14.21
CA LEU A 303 7.35 -19.03 13.72
C LEU A 303 6.02 -18.92 14.44
N GLY A 304 5.59 -20.00 15.08
CA GLY A 304 4.29 -20.05 15.73
C GLY A 304 3.94 -18.85 16.61
N SER A 305 4.92 -18.34 17.37
CA SER A 305 4.64 -17.26 18.31
C SER A 305 4.25 -15.95 17.61
N ARG A 306 4.61 -15.81 16.34
CA ARG A 306 4.27 -14.59 15.60
C ARG A 306 3.03 -14.74 14.70
N MET A 307 2.41 -15.92 14.72
CA MET A 307 1.22 -16.17 13.93
C MET A 307 -0.01 -15.48 14.55
N PRO A 308 -1.02 -15.19 13.72
CA PRO A 308 -2.24 -14.60 14.28
C PRO A 308 -3.01 -15.65 15.06
N VAL A 309 -4.17 -15.26 15.58
CA VAL A 309 -5.01 -16.17 16.32
C VAL A 309 -5.54 -17.31 15.44
N VAL A 310 -5.34 -18.55 15.89
CA VAL A 310 -5.93 -19.71 15.22
C VAL A 310 -7.08 -20.25 16.04
N GLU A 311 -8.30 -20.06 15.56
CA GLU A 311 -9.49 -20.42 16.32
C GLU A 311 -9.74 -21.92 16.25
N ALA A 312 -10.68 -22.39 17.06
CA ALA A 312 -10.89 -23.83 17.25
C ALA A 312 -11.21 -24.62 15.98
N GLU A 313 -12.09 -24.07 15.15
CA GLU A 313 -12.52 -24.74 13.92
C GLU A 313 -11.63 -24.46 12.70
N ASP A 314 -10.68 -23.53 12.81
CA ASP A 314 -9.87 -23.11 11.66
C ASP A 314 -9.29 -24.27 10.81
N LEU A 315 -8.51 -25.14 11.43
CA LEU A 315 -7.79 -26.18 10.70
C LEU A 315 -8.70 -27.26 10.11
N SER A 316 -9.87 -27.50 10.72
CA SER A 316 -10.81 -28.47 10.15
C SER A 316 -11.52 -27.88 8.92
N ILE A 317 -11.67 -26.55 8.94
CA ILE A 317 -12.23 -25.82 7.80
C ILE A 317 -11.23 -25.77 6.64
N ILE A 318 -9.97 -25.48 6.97
CA ILE A 318 -8.89 -25.42 5.99
C ILE A 318 -8.68 -26.77 5.31
N SER A 319 -8.84 -27.86 6.07
CA SER A 319 -8.48 -29.19 5.59
C SER A 319 -9.64 -29.96 5.00
N GLN A 320 -10.67 -29.27 4.52
CA GLN A 320 -11.71 -30.03 3.83
C GLN A 320 -11.24 -30.78 2.59
N LYS A 321 -11.85 -31.94 2.35
CA LYS A 321 -11.54 -32.77 1.19
C LYS A 321 -11.72 -31.99 -0.11
N LEU A 322 -10.75 -32.13 -1.01
CA LEU A 322 -10.82 -31.48 -2.32
C LEU A 322 -11.04 -32.53 -3.41
N ASP A 323 -11.66 -32.12 -4.51
CA ASP A 323 -11.92 -33.02 -5.63
C ASP A 323 -10.73 -33.09 -6.59
N TRP A 324 -9.88 -32.06 -6.59
CA TRP A 324 -8.68 -32.04 -7.42
C TRP A 324 -7.74 -30.97 -6.88
N TRP A 325 -6.51 -30.92 -7.39
CA TRP A 325 -5.63 -29.80 -7.07
C TRP A 325 -4.77 -29.46 -8.30
N GLY A 326 -4.30 -28.22 -8.38
CA GLY A 326 -3.53 -27.78 -9.53
C GLY A 326 -2.08 -27.55 -9.16
N LEU A 327 -1.17 -28.09 -9.98
CA LEU A 327 0.26 -27.82 -9.80
C LEU A 327 0.80 -26.77 -10.79
N ASN A 328 1.41 -25.72 -10.26
CA ASN A 328 2.16 -24.78 -11.06
C ASN A 328 3.66 -25.11 -10.94
N TYR A 329 4.28 -25.45 -12.07
CA TYR A 329 5.72 -25.73 -12.05
C TYR A 329 6.44 -25.02 -13.22
N TYR A 330 7.59 -24.40 -12.92
CA TYR A 330 8.42 -23.77 -13.94
C TYR A 330 9.89 -24.19 -13.88
N THR A 331 10.44 -24.24 -12.67
CA THR A 331 11.88 -24.30 -12.46
C THR A 331 12.12 -24.81 -11.03
N PRO A 332 13.28 -25.46 -10.78
CA PRO A 332 13.54 -26.01 -9.43
C PRO A 332 13.93 -24.95 -8.39
N MET A 333 13.80 -25.29 -7.10
CA MET A 333 14.30 -24.41 -6.02
C MET A 333 15.48 -25.14 -5.36
N ARG A 334 16.69 -24.80 -5.75
CA ARG A 334 17.86 -25.52 -5.27
C ARG A 334 18.36 -24.81 -4.02
N VAL A 335 18.50 -25.56 -2.92
CA VAL A 335 18.82 -24.93 -1.64
C VAL A 335 20.07 -25.53 -1.00
N ALA A 336 20.77 -24.72 -0.21
CA ALA A 336 21.83 -25.22 0.66
C ALA A 336 21.63 -24.60 2.04
N ASP A 337 22.12 -25.28 3.07
CA ASP A 337 22.05 -24.72 4.42
C ASP A 337 22.68 -23.33 4.45
N ASP A 338 22.00 -22.37 5.08
CA ASP A 338 22.56 -21.03 5.27
C ASP A 338 22.99 -20.87 6.72
N ALA A 339 24.31 -20.84 6.94
CA ALA A 339 24.89 -20.76 8.27
C ALA A 339 24.96 -19.32 8.82
N THR A 340 24.50 -18.36 8.03
CA THR A 340 24.43 -16.97 8.46
C THR A 340 23.82 -16.92 9.86
N GLU A 341 24.57 -16.42 10.83
CA GLU A 341 24.07 -16.44 12.21
C GLU A 341 22.81 -15.60 12.38
N GLY A 342 21.82 -16.15 13.09
CA GLY A 342 20.54 -15.49 13.27
C GLY A 342 19.58 -15.57 12.08
N ALA A 343 19.90 -16.40 11.08
CA ALA A 343 19.05 -16.51 9.88
C ALA A 343 17.64 -16.98 10.22
N GLU A 344 16.64 -16.26 9.70
CA GLU A 344 15.25 -16.65 9.90
C GLU A 344 14.97 -18.00 9.26
N PHE A 345 14.09 -18.79 9.88
CA PHE A 345 13.59 -20.03 9.30
C PHE A 345 13.03 -19.73 7.90
N PRO A 346 13.32 -20.60 6.91
CA PRO A 346 13.97 -21.91 6.98
C PRO A 346 15.50 -21.88 6.86
N ALA A 347 16.11 -20.70 6.86
CA ALA A 347 17.58 -20.61 6.90
C ALA A 347 18.30 -21.39 5.80
N THR A 348 17.90 -21.14 4.54
CA THR A 348 18.57 -21.71 3.38
C THR A 348 19.04 -20.59 2.46
N LYS A 349 19.91 -20.96 1.53
CA LYS A 349 20.42 -20.00 0.54
C LYS A 349 20.37 -20.67 -0.83
N GLN A 350 20.47 -19.87 -1.90
CA GLN A 350 20.35 -20.43 -3.23
C GLN A 350 21.58 -21.30 -3.59
N ALA A 351 21.33 -22.48 -4.11
CA ALA A 351 22.39 -23.40 -4.53
C ALA A 351 22.54 -23.31 -6.06
N PRO A 352 23.71 -23.71 -6.60
CA PRO A 352 23.93 -23.50 -8.05
C PRO A 352 23.10 -24.38 -8.99
N ALA A 353 22.83 -23.83 -10.16
CA ALA A 353 22.03 -24.52 -11.17
C ALA A 353 22.83 -25.67 -11.79
N VAL A 354 22.13 -26.70 -12.24
CA VAL A 354 22.78 -27.87 -12.80
C VAL A 354 22.85 -27.78 -14.32
N SER A 355 21.70 -27.52 -14.94
CA SER A 355 21.64 -27.24 -16.37
C SER A 355 22.10 -25.81 -16.59
N ASP A 356 22.67 -25.52 -17.76
CA ASP A 356 23.04 -24.13 -18.02
C ASP A 356 22.00 -23.43 -18.93
N VAL A 357 21.00 -24.21 -19.33
CA VAL A 357 19.84 -23.68 -20.06
C VAL A 357 18.93 -22.83 -19.16
N LYS A 358 18.61 -21.62 -19.65
CA LYS A 358 17.75 -20.69 -18.91
C LYS A 358 16.77 -20.03 -19.87
N THR A 359 15.57 -19.72 -19.35
CA THR A 359 14.60 -18.95 -20.14
C THR A 359 14.99 -17.47 -20.18
N ASP A 360 14.25 -16.65 -20.93
CA ASP A 360 14.61 -15.24 -21.06
C ASP A 360 14.36 -14.43 -19.79
N ILE A 361 13.65 -15.01 -18.83
CA ILE A 361 13.46 -14.35 -17.54
C ILE A 361 14.56 -14.79 -16.56
N GLY A 362 15.40 -15.74 -17.00
CA GLY A 362 16.51 -16.21 -16.19
C GLY A 362 16.33 -17.52 -15.42
N TRP A 363 15.22 -18.22 -15.61
CA TRP A 363 14.94 -19.44 -14.84
C TRP A 363 15.55 -20.70 -15.45
N GLU A 364 16.30 -21.44 -14.63
CA GLU A 364 16.85 -22.73 -15.03
C GLU A 364 15.77 -23.63 -15.63
N VAL A 365 16.07 -24.20 -16.80
CA VAL A 365 15.20 -25.22 -17.40
C VAL A 365 15.71 -26.59 -16.94
N TYR A 366 14.87 -27.30 -16.19
CA TYR A 366 15.26 -28.59 -15.62
C TYR A 366 14.03 -29.46 -15.40
N ALA A 367 13.59 -30.10 -16.49
CA ALA A 367 12.35 -30.85 -16.48
C ALA A 367 12.24 -32.00 -15.44
N PRO A 368 13.34 -32.75 -15.19
CA PRO A 368 13.15 -33.83 -14.21
C PRO A 368 12.80 -33.34 -12.79
N ALA A 369 13.01 -32.06 -12.47
CA ALA A 369 12.60 -31.56 -11.15
C ALA A 369 11.08 -31.62 -11.00
N LEU A 370 10.37 -31.65 -12.13
CA LEU A 370 8.91 -31.80 -12.09
C LEU A 370 8.56 -33.22 -11.64
N HIS A 371 9.32 -34.20 -12.12
CA HIS A 371 9.10 -35.57 -11.74
C HIS A 371 9.32 -35.82 -10.25
N SER A 372 10.43 -35.37 -9.71
CA SER A 372 10.74 -35.65 -8.31
C SER A 372 9.80 -34.89 -7.39
N LEU A 373 9.27 -33.76 -7.85
CA LEU A 373 8.33 -32.96 -7.07
C LEU A 373 6.98 -33.67 -6.91
N VAL A 374 6.47 -34.26 -7.99
CA VAL A 374 5.16 -34.90 -7.92
C VAL A 374 5.28 -36.18 -7.08
N GLU A 375 6.39 -36.87 -7.27
CA GLU A 375 6.75 -38.06 -6.50
C GLU A 375 6.75 -37.75 -5.01
N THR A 376 7.49 -36.70 -4.64
CA THR A 376 7.62 -36.27 -3.26
C THR A 376 6.25 -35.96 -2.65
N LEU A 377 5.46 -35.17 -3.36
CA LEU A 377 4.15 -34.75 -2.86
C LEU A 377 3.19 -35.92 -2.68
N TYR A 378 3.17 -36.86 -3.63
CA TYR A 378 2.21 -37.95 -3.50
C TYR A 378 2.63 -38.97 -2.42
N GLU A 379 3.89 -38.93 -2.00
CA GLU A 379 4.29 -39.82 -0.92
C GLU A 379 4.12 -39.15 0.42
N ARG A 380 4.17 -37.82 0.45
CA ARG A 380 4.06 -37.10 1.73
C ARG A 380 2.61 -36.81 2.11
N TYR A 381 1.74 -36.71 1.12
CA TYR A 381 0.38 -36.22 1.34
C TYR A 381 -0.65 -37.08 0.64
N GLU A 382 -1.84 -37.14 1.22
CA GLU A 382 -2.98 -37.80 0.62
C GLU A 382 -3.66 -36.80 -0.36
N LEU A 383 -3.29 -36.84 -1.64
CA LEU A 383 -3.77 -35.85 -2.60
C LEU A 383 -4.83 -36.39 -3.56
N PRO A 384 -5.77 -35.53 -3.98
CA PRO A 384 -6.74 -35.93 -5.01
C PRO A 384 -6.08 -35.91 -6.41
N ASP A 385 -6.89 -36.06 -7.46
CA ASP A 385 -6.36 -36.00 -8.83
C ASP A 385 -5.58 -34.70 -9.09
N CYS A 386 -4.54 -34.78 -9.91
CA CYS A 386 -3.68 -33.63 -10.19
C CYS A 386 -3.88 -33.08 -11.60
N TYR A 387 -3.98 -31.76 -11.71
CA TYR A 387 -3.94 -31.10 -13.01
C TYR A 387 -2.73 -30.18 -12.99
N ILE A 388 -1.90 -30.26 -14.01
CA ILE A 388 -0.83 -29.26 -14.19
C ILE A 388 -1.55 -27.98 -14.66
N THR A 389 -1.58 -26.96 -13.80
CA THR A 389 -2.40 -25.78 -14.08
C THR A 389 -1.59 -24.65 -14.68
N GLU A 390 -0.28 -24.69 -14.47
CA GLU A 390 0.65 -23.78 -15.12
C GLU A 390 2.00 -24.46 -15.37
N ASN A 391 2.41 -24.47 -16.64
CA ASN A 391 3.77 -24.85 -17.03
C ASN A 391 4.01 -24.12 -18.34
N GLY A 392 5.21 -23.58 -18.52
CA GLY A 392 5.47 -22.67 -19.62
C GLY A 392 6.80 -21.98 -19.44
N ALA A 393 7.10 -21.05 -20.34
CA ALA A 393 8.44 -20.49 -20.39
C ALA A 393 8.47 -19.10 -20.99
N CYS A 394 9.34 -18.27 -20.44
CA CYS A 394 9.56 -16.95 -20.98
C CYS A 394 10.58 -16.98 -22.10
N TYR A 395 10.13 -16.66 -23.30
CA TYR A 395 11.03 -16.40 -24.42
C TYR A 395 10.45 -15.24 -25.23
N ASN A 396 11.29 -14.26 -25.53
CA ASN A 396 10.75 -12.98 -26.00
C ASN A 396 10.71 -12.70 -27.51
N MET A 397 10.89 -13.69 -28.36
CA MET A 397 10.89 -13.39 -29.80
C MET A 397 9.52 -12.89 -30.26
N GLY A 398 9.53 -11.94 -31.19
CA GLY A 398 8.30 -11.42 -31.76
C GLY A 398 8.02 -11.96 -33.15
N VAL A 399 7.15 -11.26 -33.88
CA VAL A 399 6.65 -11.69 -35.18
C VAL A 399 7.65 -11.39 -36.31
N GLU A 400 7.86 -12.38 -37.16
CA GLU A 400 8.69 -12.21 -38.35
C GLU A 400 8.01 -12.93 -39.50
N ASN A 401 7.63 -12.16 -40.53
CA ASN A 401 6.95 -12.70 -41.70
C ASN A 401 5.70 -13.50 -41.34
N GLY A 402 4.86 -12.89 -40.52
CA GLY A 402 3.63 -13.51 -40.08
C GLY A 402 3.78 -14.64 -39.07
N GLU A 403 5.00 -14.92 -38.62
CA GLU A 403 5.20 -16.08 -37.75
C GLU A 403 6.05 -15.73 -36.52
N VAL A 404 5.91 -16.53 -35.47
CA VAL A 404 6.79 -16.40 -34.31
C VAL A 404 7.58 -17.68 -34.13
N ASP A 405 8.87 -17.61 -34.43
CA ASP A 405 9.72 -18.80 -34.38
C ASP A 405 10.25 -19.03 -32.97
N ASP A 406 9.41 -19.60 -32.09
CA ASP A 406 9.81 -19.76 -30.70
C ASP A 406 10.17 -21.21 -30.34
N GLN A 407 11.08 -21.79 -31.10
CA GLN A 407 11.50 -23.19 -30.88
C GLN A 407 11.94 -23.49 -29.43
N PRO A 408 12.60 -22.53 -28.75
CA PRO A 408 12.92 -22.90 -27.37
C PRO A 408 11.70 -23.07 -26.48
N ARG A 409 10.60 -22.35 -26.75
CA ARG A 409 9.37 -22.57 -25.99
C ARG A 409 8.76 -23.93 -26.36
N LEU A 410 8.74 -24.23 -27.67
CA LEU A 410 8.27 -25.54 -28.12
C LEU A 410 9.07 -26.65 -27.43
N ASP A 411 10.40 -26.50 -27.38
CA ASP A 411 11.24 -27.53 -26.75
C ASP A 411 10.94 -27.66 -25.26
N TYR A 412 10.67 -26.54 -24.59
CA TYR A 412 10.29 -26.58 -23.18
C TYR A 412 9.02 -27.40 -22.99
N TYR A 413 7.97 -27.11 -23.77
CA TYR A 413 6.73 -27.88 -23.70
C TYR A 413 6.92 -29.37 -23.95
N ALA A 414 7.59 -29.72 -25.05
CA ALA A 414 7.75 -31.11 -25.42
C ALA A 414 8.46 -31.90 -24.30
N GLU A 415 9.51 -31.31 -23.75
CA GLU A 415 10.24 -31.97 -22.69
C GLU A 415 9.44 -32.10 -21.38
N HIS A 416 8.73 -31.05 -20.98
CA HIS A 416 7.98 -31.14 -19.73
C HIS A 416 6.74 -32.01 -19.91
N LEU A 417 6.14 -31.97 -21.10
CA LEU A 417 5.00 -32.86 -21.39
C LEU A 417 5.45 -34.32 -21.42
N GLY A 418 6.72 -34.54 -21.72
CA GLY A 418 7.30 -35.87 -21.63
C GLY A 418 7.38 -36.30 -20.16
N ILE A 419 7.69 -35.35 -19.28
CA ILE A 419 7.74 -35.68 -17.86
C ILE A 419 6.34 -36.01 -17.36
N VAL A 420 5.33 -35.25 -17.81
CA VAL A 420 3.96 -35.51 -17.37
C VAL A 420 3.50 -36.92 -17.82
N ALA A 421 3.75 -37.26 -19.07
CA ALA A 421 3.45 -38.60 -19.58
C ALA A 421 4.19 -39.68 -18.76
N ASP A 422 5.45 -39.42 -18.40
CA ASP A 422 6.19 -40.32 -17.53
C ASP A 422 5.49 -40.53 -16.18
N LEU A 423 4.97 -39.43 -15.60
CA LEU A 423 4.27 -39.50 -14.31
C LEU A 423 2.98 -40.32 -14.40
N VAL A 424 2.27 -40.19 -15.52
CA VAL A 424 1.12 -41.05 -15.82
C VAL A 424 1.57 -42.51 -15.87
N LYS A 425 2.65 -42.77 -16.60
CA LYS A 425 3.16 -44.15 -16.71
C LYS A 425 3.55 -44.67 -15.32
N ASP A 426 4.12 -43.79 -14.50
CA ASP A 426 4.61 -44.17 -13.18
C ASP A 426 3.54 -44.26 -12.09
N GLY A 427 2.27 -44.12 -12.49
CA GLY A 427 1.15 -44.40 -11.60
C GLY A 427 0.60 -43.21 -10.83
N TYR A 428 1.00 -41.99 -11.18
CA TYR A 428 0.43 -40.83 -10.51
C TYR A 428 -0.83 -40.35 -11.23
N PRO A 429 -1.79 -39.80 -10.48
CA PRO A 429 -3.10 -39.41 -11.04
C PRO A 429 -3.09 -38.05 -11.75
N MET A 430 -2.28 -37.93 -12.80
CA MET A 430 -2.23 -36.71 -13.61
C MET A 430 -3.35 -36.77 -14.64
N ARG A 431 -4.38 -35.97 -14.45
CA ARG A 431 -5.57 -36.04 -15.27
C ARG A 431 -5.60 -34.99 -16.37
N GLY A 432 -4.73 -33.98 -16.29
CA GLY A 432 -4.71 -32.93 -17.29
C GLY A 432 -3.57 -31.94 -17.22
N TYR A 433 -3.48 -31.08 -18.24
CA TYR A 433 -2.38 -30.12 -18.38
C TYR A 433 -2.87 -28.82 -19.02
N PHE A 434 -2.57 -27.69 -18.38
CA PHE A 434 -2.87 -26.38 -18.96
C PHE A 434 -1.57 -25.68 -19.31
N ALA A 435 -1.36 -25.38 -20.59
CA ALA A 435 -0.20 -24.58 -20.97
C ALA A 435 -0.38 -23.14 -20.48
N TRP A 436 0.60 -22.68 -19.76
CA TRP A 436 0.66 -21.35 -19.29
C TRP A 436 1.42 -20.42 -20.24
N SER A 437 0.47 -19.57 -20.47
CA SER A 437 -0.02 -18.48 -21.06
C SER A 437 -0.57 -18.66 -22.33
N LEU A 438 -1.87 -18.66 -22.31
CA LEU A 438 -2.52 -18.62 -23.63
C LEU A 438 -1.91 -17.52 -24.50
N MET A 439 -1.68 -16.34 -23.91
CA MET A 439 -1.11 -15.25 -24.70
C MET A 439 -0.15 -14.41 -23.90
N ASP A 440 0.70 -13.68 -24.62
CA ASP A 440 1.57 -12.72 -23.96
C ASP A 440 0.68 -11.78 -23.16
N ASN A 441 1.19 -11.35 -22.01
CA ASN A 441 0.40 -10.51 -21.12
C ASN A 441 1.24 -9.79 -20.07
N PHE A 442 0.56 -9.08 -19.19
CA PHE A 442 1.20 -8.38 -18.07
C PHE A 442 1.84 -9.38 -17.09
N GLU A 443 3.15 -9.32 -16.93
CA GLU A 443 3.83 -10.29 -16.06
C GLU A 443 4.25 -9.71 -14.72
N TRP A 444 3.29 -9.09 -14.04
CA TRP A 444 3.47 -8.67 -12.66
C TRP A 444 4.65 -7.70 -12.55
N ALA A 445 5.63 -7.98 -11.70
CA ALA A 445 6.71 -7.01 -11.51
C ALA A 445 7.59 -6.82 -12.76
N GLU A 446 7.47 -7.77 -13.70
CA GLU A 446 8.23 -7.69 -14.96
C GLU A 446 7.55 -6.82 -15.99
N GLY A 447 6.30 -6.40 -15.72
CA GLY A 447 5.53 -5.66 -16.70
C GLY A 447 5.30 -6.46 -17.98
N TYR A 448 5.20 -5.78 -19.12
CA TYR A 448 4.97 -6.47 -20.39
C TYR A 448 6.24 -6.98 -21.09
N ARG A 449 7.41 -6.77 -20.51
CA ARG A 449 8.65 -7.19 -21.15
C ARG A 449 8.88 -8.73 -21.26
N MET A 450 8.34 -9.49 -20.38
CA MET A 450 8.58 -10.94 -20.39
C MET A 450 7.39 -11.66 -20.99
N ARG A 451 7.57 -12.32 -22.13
CA ARG A 451 6.46 -12.94 -22.84
C ARG A 451 6.35 -14.44 -22.53
N PHE A 452 5.20 -14.86 -22.00
CA PHE A 452 4.97 -16.26 -21.65
C PHE A 452 3.95 -16.97 -22.57
N GLY A 453 3.46 -16.28 -23.61
CA GLY A 453 2.35 -16.79 -24.39
C GLY A 453 2.64 -17.86 -25.43
N LEU A 454 1.64 -18.68 -25.72
CA LEU A 454 1.61 -19.51 -26.94
C LEU A 454 1.13 -18.67 -28.11
N VAL A 455 0.44 -17.57 -27.78
CA VAL A 455 -0.05 -16.63 -28.78
C VAL A 455 0.63 -15.29 -28.55
N HIS A 456 1.23 -14.74 -29.60
CA HIS A 456 1.86 -13.42 -29.51
C HIS A 456 0.79 -12.33 -29.56
N VAL A 457 0.95 -11.31 -28.72
CA VAL A 457 0.10 -10.13 -28.81
C VAL A 457 0.96 -8.92 -29.13
N ASP A 458 0.62 -8.21 -30.18
CA ASP A 458 1.27 -6.96 -30.49
C ASP A 458 0.54 -5.87 -29.72
N TYR A 459 1.20 -5.29 -28.72
CA TYR A 459 0.52 -4.36 -27.83
C TYR A 459 0.13 -3.05 -28.49
N GLU A 460 0.64 -2.80 -29.70
CA GLU A 460 0.23 -1.63 -30.46
C GLU A 460 -1.11 -1.88 -31.17
N THR A 461 -1.24 -3.05 -31.79
CA THR A 461 -2.41 -3.32 -32.62
C THR A 461 -3.42 -4.23 -31.94
N GLN A 462 -2.98 -4.90 -30.87
CA GLN A 462 -3.75 -5.99 -30.21
C GLN A 462 -3.98 -7.22 -31.08
N VAL A 463 -3.28 -7.30 -32.22
CA VAL A 463 -3.30 -8.48 -33.07
C VAL A 463 -2.70 -9.68 -32.33
N ARG A 464 -3.44 -10.79 -32.32
CA ARG A 464 -2.96 -12.09 -31.82
C ARG A 464 -2.30 -12.87 -32.97
N THR A 465 -1.12 -13.44 -32.70
CA THR A 465 -0.47 -14.34 -33.66
C THR A 465 -0.09 -15.64 -32.97
N LEU A 466 -0.74 -16.74 -33.34
CA LEU A 466 -0.37 -18.04 -32.77
C LEU A 466 1.10 -18.38 -33.06
N LYS A 467 1.91 -18.58 -32.03
CA LYS A 467 3.31 -18.88 -32.23
C LYS A 467 3.55 -20.31 -32.73
N ASN A 468 4.77 -20.64 -33.14
CA ASN A 468 5.09 -22.02 -33.50
C ASN A 468 4.87 -23.02 -32.35
N SER A 469 5.24 -22.63 -31.14
CA SER A 469 4.90 -23.43 -29.97
C SER A 469 3.38 -23.65 -29.87
N GLY A 470 2.60 -22.62 -30.21
CA GLY A 470 1.16 -22.73 -30.09
C GLY A 470 0.55 -23.66 -31.13
N LYS A 471 1.13 -23.65 -32.33
CA LYS A 471 0.66 -24.52 -33.41
C LYS A 471 1.00 -25.96 -33.06
N TRP A 472 2.18 -26.16 -32.49
CA TRP A 472 2.57 -27.48 -32.01
C TRP A 472 1.62 -27.98 -30.92
N TYR A 473 1.40 -27.16 -29.89
CA TYR A 473 0.47 -27.52 -28.81
C TYR A 473 -0.93 -27.82 -29.35
N SER A 474 -1.37 -27.01 -30.30
CA SER A 474 -2.66 -27.24 -30.95
C SER A 474 -2.74 -28.59 -31.64
N ALA A 475 -1.67 -28.98 -32.34
CA ALA A 475 -1.65 -30.26 -33.04
C ALA A 475 -1.68 -31.43 -32.05
N LEU A 476 -0.99 -31.28 -30.93
CA LEU A 476 -1.05 -32.27 -29.86
C LEU A 476 -2.47 -32.35 -29.28
N ALA A 477 -2.98 -31.19 -28.85
CA ALA A 477 -4.21 -31.13 -28.06
C ALA A 477 -5.47 -31.51 -28.86
N SER A 478 -5.46 -31.19 -30.15
CA SER A 478 -6.60 -31.45 -31.03
C SER A 478 -7.00 -32.91 -31.10
N GLY A 479 -6.04 -33.80 -30.86
CA GLY A 479 -6.30 -35.23 -30.94
C GLY A 479 -7.09 -35.76 -29.76
N PHE A 480 -7.37 -34.88 -28.80
CA PHE A 480 -7.96 -35.28 -27.52
C PHE A 480 -9.26 -34.56 -27.27
N PRO A 481 -10.25 -35.25 -26.67
CA PRO A 481 -10.19 -36.66 -26.22
C PRO A 481 -10.20 -37.68 -27.36
N LYS A 482 -9.32 -38.68 -27.32
CA LYS A 482 -9.20 -39.68 -28.38
C LYS A 482 -10.48 -40.50 -28.59
N MET B 32 10.95 33.25 33.31
CA MET B 32 10.58 31.92 32.83
C MET B 32 9.08 31.73 32.74
N THR B 33 8.52 31.07 33.76
CA THR B 33 7.15 30.57 33.68
C THR B 33 6.07 31.53 34.17
N ASP B 34 6.46 32.71 34.62
CA ASP B 34 5.47 33.68 35.10
C ASP B 34 4.60 34.19 33.96
N HIS B 35 3.33 33.76 33.94
CA HIS B 35 2.47 34.03 32.79
C HIS B 35 2.11 35.50 32.61
N LYS B 36 1.87 36.20 33.72
CA LYS B 36 1.54 37.62 33.66
C LYS B 36 2.69 38.40 33.04
N ALA B 37 3.92 38.05 33.40
CA ALA B 37 5.12 38.68 32.84
C ALA B 37 5.34 38.29 31.37
N LEU B 38 5.14 37.02 31.06
CA LEU B 38 5.24 36.56 29.68
C LEU B 38 4.22 37.30 28.79
N ALA B 39 2.98 37.34 29.24
CA ALA B 39 1.90 38.05 28.53
C ALA B 39 2.25 39.50 28.16
N ALA B 40 2.98 40.17 29.06
CA ALA B 40 3.41 41.55 28.85
C ALA B 40 4.26 41.73 27.60
N ARG B 41 4.92 40.66 27.18
CA ARG B 41 5.84 40.72 26.04
C ARG B 41 5.16 40.59 24.68
N PHE B 42 3.86 40.32 24.67
CA PHE B 42 3.12 40.13 23.39
C PHE B 42 2.19 41.31 23.11
N PRO B 43 2.01 41.66 21.83
CA PRO B 43 1.07 42.72 21.46
C PRO B 43 -0.36 42.34 21.85
N GLY B 44 -1.21 43.33 22.12
CA GLY B 44 -2.55 43.06 22.58
C GLY B 44 -3.44 42.28 21.64
N ASP B 45 -3.06 42.21 20.37
CA ASP B 45 -3.89 41.55 19.36
C ASP B 45 -3.25 40.24 18.92
N PHE B 46 -2.27 39.77 19.68
CA PHE B 46 -1.62 38.51 19.38
C PHE B 46 -2.64 37.39 19.49
N LEU B 47 -2.57 36.43 18.56
CA LEU B 47 -3.53 35.34 18.50
C LEU B 47 -2.99 34.10 19.23
N PHE B 48 -3.72 33.63 20.23
CA PHE B 48 -3.35 32.38 20.88
C PHE B 48 -4.33 31.28 20.49
N GLY B 49 -3.80 30.10 20.18
CA GLY B 49 -4.64 29.01 19.70
C GLY B 49 -4.26 27.65 20.26
N VAL B 50 -5.11 26.66 19.99
CA VAL B 50 -4.79 25.26 20.22
C VAL B 50 -5.09 24.52 18.93
N ALA B 51 -4.44 23.38 18.72
CA ALA B 51 -4.53 22.74 17.43
C ALA B 51 -4.67 21.23 17.47
N THR B 52 -5.11 20.68 16.35
CA THR B 52 -5.58 19.32 16.32
C THR B 52 -5.57 18.83 14.85
N ALA B 53 -5.65 17.51 14.64
CA ALA B 53 -5.73 16.93 13.30
C ALA B 53 -6.79 15.81 13.27
N SER B 54 -7.46 15.68 12.12
CA SER B 54 -8.66 14.83 12.00
C SER B 54 -8.45 13.37 12.39
N PHE B 55 -7.48 12.70 11.79
CA PHE B 55 -7.31 11.27 12.05
C PHE B 55 -6.81 11.03 13.47
N GLN B 56 -6.11 12.01 14.03
CA GLN B 56 -5.57 11.87 15.36
C GLN B 56 -6.62 11.86 16.48
N ILE B 57 -7.75 12.52 16.26
CA ILE B 57 -8.73 12.68 17.35
C ILE B 57 -10.13 12.14 17.05
N GLU B 58 -10.52 12.11 15.78
CA GLU B 58 -11.94 11.93 15.44
C GLU B 58 -12.57 10.57 15.78
N GLY B 59 -11.85 9.48 15.51
CA GLY B 59 -12.47 8.16 15.56
C GLY B 59 -13.57 8.05 14.51
N ALA B 60 -14.56 7.19 14.77
CA ALA B 60 -15.70 7.03 13.86
C ALA B 60 -15.23 6.87 12.42
N THR B 61 -14.29 5.97 12.22
CA THR B 61 -13.66 5.79 10.92
C THR B 61 -14.59 5.24 9.85
N LYS B 62 -15.60 4.47 10.24
CA LYS B 62 -16.53 3.91 9.25
C LYS B 62 -17.96 4.48 9.39
N VAL B 63 -18.05 5.71 9.87
CA VAL B 63 -19.33 6.33 10.22
C VAL B 63 -19.76 7.36 9.16
N ASP B 64 -21.05 7.39 8.83
CA ASP B 64 -21.63 8.42 7.97
C ASP B 64 -20.93 8.58 6.61
N GLY B 65 -20.57 7.46 5.98
CA GLY B 65 -20.02 7.52 4.63
C GLY B 65 -18.50 7.64 4.53
N ARG B 66 -17.81 7.81 5.65
CA ARG B 66 -16.34 7.87 5.58
C ARG B 66 -15.77 6.56 5.01
N LYS B 67 -14.80 6.68 4.10
CA LYS B 67 -14.09 5.52 3.59
C LYS B 67 -12.65 5.49 4.12
N PRO B 68 -11.96 4.35 3.96
CA PRO B 68 -10.63 4.36 4.58
C PRO B 68 -9.64 5.33 3.95
N SER B 69 -8.72 5.81 4.79
CA SER B 69 -7.61 6.64 4.36
C SER B 69 -6.38 5.75 4.29
N ILE B 70 -5.28 6.27 3.75
CA ILE B 70 -4.04 5.49 3.75
C ILE B 70 -3.53 5.17 5.16
N TRP B 71 -3.96 5.94 6.17
CA TRP B 71 -3.52 5.67 7.55
C TRP B 71 -4.26 4.52 8.20
N ASP B 72 -5.52 4.34 7.86
CA ASP B 72 -6.26 3.16 8.30
C ASP B 72 -5.49 1.91 7.84
N ALA B 73 -5.15 1.89 6.55
CA ALA B 73 -4.37 0.79 5.97
C ALA B 73 -3.03 0.62 6.67
N PHE B 74 -2.30 1.73 6.82
CA PHE B 74 -0.95 1.72 7.42
C PHE B 74 -0.99 1.15 8.85
N CYS B 75 -1.91 1.66 9.65
CA CYS B 75 -2.14 1.17 11.02
C CYS B 75 -2.42 -0.32 11.12
N ASN B 76 -3.31 -0.80 10.25
CA ASN B 76 -3.80 -2.17 10.35
C ASN B 76 -2.89 -3.23 9.69
N MET B 77 -1.86 -2.80 8.97
CA MET B 77 -0.85 -3.73 8.47
C MET B 77 0.33 -3.83 9.46
N PRO B 78 0.55 -5.03 10.03
CA PRO B 78 1.60 -5.27 11.02
C PRO B 78 2.94 -4.68 10.60
N GLY B 79 3.64 -4.04 11.53
CA GLY B 79 4.97 -3.52 11.23
C GLY B 79 5.13 -2.01 11.17
N HIS B 80 4.04 -1.30 10.86
CA HIS B 80 4.14 0.14 10.63
C HIS B 80 3.91 1.02 11.87
N VAL B 81 2.98 0.60 12.73
CA VAL B 81 2.55 1.42 13.84
C VAL B 81 2.67 0.65 15.16
N PHE B 82 3.22 1.32 16.17
CA PHE B 82 3.34 0.73 17.51
C PHE B 82 2.07 0.00 17.93
N GLY B 83 2.20 -1.27 18.29
CA GLY B 83 1.09 -2.02 18.86
C GLY B 83 -0.07 -2.20 17.91
N ARG B 84 0.13 -1.86 16.64
CA ARG B 84 -0.93 -1.92 15.64
C ARG B 84 -2.10 -1.02 16.05
N HIS B 85 -1.81 0.03 16.82
CA HIS B 85 -2.82 1.02 17.21
C HIS B 85 -3.38 1.66 15.94
N ASN B 86 -4.69 1.91 15.93
CA ASN B 86 -5.32 2.56 14.79
C ASN B 86 -6.18 3.72 15.27
N GLY B 87 -6.88 4.38 14.34
CA GLY B 87 -7.68 5.52 14.70
C GLY B 87 -9.17 5.25 14.80
N ASP B 88 -9.57 3.98 14.99
CA ASP B 88 -11.01 3.65 14.99
C ASP B 88 -11.78 4.44 16.04
N VAL B 89 -11.16 4.67 17.20
CA VAL B 89 -11.81 5.41 18.26
C VAL B 89 -11.07 6.71 18.60
N ALA B 90 -9.77 6.62 18.85
CA ALA B 90 -8.98 7.81 19.16
C ALA B 90 -9.60 8.57 20.32
N CYS B 91 -9.92 9.85 20.12
CA CYS B 91 -10.48 10.66 21.22
C CYS B 91 -11.98 10.82 21.07
N ASP B 92 -12.55 10.07 20.12
CA ASP B 92 -14.00 10.05 19.89
C ASP B 92 -14.55 11.46 19.66
N HIS B 93 -13.73 12.32 19.07
CA HIS B 93 -14.07 13.74 18.86
C HIS B 93 -15.23 13.89 17.90
N TYR B 94 -15.42 12.92 17.01
CA TYR B 94 -16.53 13.00 16.06
C TYR B 94 -17.84 13.07 16.82
N ASN B 95 -17.93 12.30 17.90
CA ASN B 95 -19.13 12.35 18.74
C ASN B 95 -19.05 13.40 19.84
N ARG B 96 -17.84 13.74 20.28
CA ARG B 96 -17.69 14.59 21.46
C ARG B 96 -17.33 16.04 21.13
N TRP B 97 -17.39 16.39 19.84
CA TRP B 97 -16.91 17.68 19.38
C TRP B 97 -17.45 18.89 20.14
N GLU B 98 -18.70 18.82 20.61
CA GLU B 98 -19.30 19.95 21.34
C GLU B 98 -18.64 20.21 22.69
N ASP B 99 -18.41 19.14 23.44
CA ASP B 99 -17.76 19.26 24.75
C ASP B 99 -16.36 19.83 24.55
N ASP B 100 -15.66 19.32 23.55
CA ASP B 100 -14.30 19.76 23.27
C ASP B 100 -14.27 21.25 22.92
N LEU B 101 -15.26 21.73 22.16
CA LEU B 101 -15.36 23.16 21.85
C LEU B 101 -15.61 23.99 23.13
N ASP B 102 -16.48 23.47 23.99
CA ASP B 102 -16.78 24.16 25.24
C ASP B 102 -15.53 24.26 26.09
N LEU B 103 -14.71 23.19 26.06
CA LEU B 103 -13.44 23.19 26.77
C LEU B 103 -12.54 24.32 26.28
N ILE B 104 -12.41 24.43 24.96
CA ILE B 104 -11.62 25.50 24.35
C ILE B 104 -12.13 26.89 24.77
N LYS B 105 -13.45 27.08 24.76
CA LYS B 105 -13.98 28.36 25.23
C LYS B 105 -13.63 28.60 26.71
N GLU B 106 -13.88 27.61 27.56
CA GLU B 106 -13.56 27.73 28.99
C GLU B 106 -12.06 27.99 29.26
N MET B 107 -11.19 27.59 28.35
CA MET B 107 -9.76 27.88 28.50
C MET B 107 -9.44 29.33 28.15
N GLY B 108 -10.40 30.02 27.53
CA GLY B 108 -10.17 31.40 27.13
C GLY B 108 -9.23 31.53 25.94
N VAL B 109 -9.14 30.47 25.14
CA VAL B 109 -8.29 30.46 23.95
C VAL B 109 -9.04 31.01 22.72
N GLU B 110 -8.45 32.01 22.05
CA GLU B 110 -9.15 32.67 20.94
C GLU B 110 -9.31 31.80 19.68
N ALA B 111 -8.33 30.96 19.37
CA ALA B 111 -8.37 30.23 18.10
C ALA B 111 -8.25 28.71 18.21
N TYR B 112 -8.85 28.03 17.22
CA TYR B 112 -8.80 26.58 17.08
C TYR B 112 -8.40 26.19 15.66
N ARG B 113 -7.32 25.45 15.55
CA ARG B 113 -6.88 24.94 14.26
C ARG B 113 -7.18 23.45 14.22
N PHE B 114 -7.93 23.04 13.21
CA PHE B 114 -8.30 21.64 13.02
C PHE B 114 -8.05 21.29 11.55
N SER B 115 -7.98 19.99 11.24
CA SER B 115 -7.91 19.58 9.85
C SER B 115 -9.23 18.94 9.44
N ILE B 116 -9.47 18.93 8.13
CA ILE B 116 -10.67 18.32 7.57
C ILE B 116 -10.31 16.98 6.97
N ALA B 117 -11.13 15.96 7.21
CA ALA B 117 -10.89 14.62 6.68
C ALA B 117 -11.43 14.49 5.25
N TRP B 118 -10.55 14.61 4.26
CA TRP B 118 -10.90 14.26 2.88
C TRP B 118 -11.74 12.94 2.75
N PRO B 119 -11.37 11.87 3.49
CA PRO B 119 -12.15 10.61 3.40
C PRO B 119 -13.63 10.70 3.80
N ARG B 120 -13.99 11.73 4.57
CA ARG B 120 -15.39 12.00 4.92
C ARG B 120 -16.04 12.85 3.84
N ILE B 121 -15.25 13.69 3.19
CA ILE B 121 -15.83 14.69 2.28
C ILE B 121 -16.04 14.12 0.88
N ILE B 122 -14.96 13.56 0.33
CA ILE B 122 -15.02 12.85 -0.95
C ILE B 122 -14.33 11.52 -0.72
N PRO B 123 -15.10 10.52 -0.26
CA PRO B 123 -14.53 9.27 0.28
C PRO B 123 -13.62 8.44 -0.65
N ASP B 124 -13.86 8.46 -1.97
CA ASP B 124 -12.94 7.77 -2.90
C ASP B 124 -11.86 8.73 -3.45
N GLY B 125 -11.88 9.97 -2.98
CA GLY B 125 -10.88 10.94 -3.41
C GLY B 125 -11.39 11.75 -4.57
N PHE B 126 -11.64 11.04 -5.68
CA PHE B 126 -12.49 11.53 -6.77
C PHE B 126 -13.90 10.99 -6.51
N GLY B 127 -14.85 11.29 -7.41
CA GLY B 127 -16.18 10.71 -7.29
C GLY B 127 -17.13 11.55 -6.44
N PRO B 128 -18.26 10.96 -6.04
CA PRO B 128 -19.37 11.64 -5.37
C PRO B 128 -19.00 12.29 -4.03
N ILE B 129 -19.56 13.48 -3.80
CA ILE B 129 -19.39 14.24 -2.57
C ILE B 129 -20.28 13.66 -1.48
N ASN B 130 -19.75 13.52 -0.27
CA ASN B 130 -20.53 13.01 0.85
C ASN B 130 -20.99 14.19 1.69
N GLU B 131 -22.23 14.63 1.44
CA GLU B 131 -22.76 15.84 2.09
C GLU B 131 -22.85 15.67 3.61
N LYS B 132 -23.05 14.43 4.07
CA LYS B 132 -23.03 14.13 5.50
C LYS B 132 -21.67 14.49 6.08
N GLY B 133 -20.62 14.19 5.32
CA GLY B 133 -19.27 14.54 5.72
C GLY B 133 -19.09 16.05 5.88
N LEU B 134 -19.51 16.83 4.88
CA LEU B 134 -19.44 18.30 4.98
C LEU B 134 -20.24 18.83 6.17
N ASP B 135 -21.36 18.18 6.47
CA ASP B 135 -22.24 18.58 7.57
C ASP B 135 -21.51 18.62 8.90
N PHE B 136 -20.67 17.63 9.16
CA PHE B 136 -19.96 17.60 10.43
C PHE B 136 -19.10 18.85 10.61
N TYR B 137 -18.35 19.22 9.58
CA TYR B 137 -17.50 20.40 9.70
C TYR B 137 -18.32 21.69 9.64
N ASP B 138 -19.47 21.61 8.98
CA ASP B 138 -20.37 22.74 8.90
C ASP B 138 -20.87 23.09 10.30
N ARG B 139 -21.28 22.07 11.07
CA ARG B 139 -21.75 22.30 12.43
C ARG B 139 -20.60 22.71 13.35
N LEU B 140 -19.42 22.11 13.16
CA LEU B 140 -18.23 22.44 13.95
C LEU B 140 -17.89 23.93 13.83
N VAL B 141 -17.84 24.42 12.60
CA VAL B 141 -17.56 25.82 12.34
C VAL B 141 -18.61 26.75 12.96
N ASP B 142 -19.88 26.37 12.87
CA ASP B 142 -20.98 27.11 13.48
C ASP B 142 -20.82 27.19 15.00
N GLY B 143 -20.45 26.07 15.60
CA GLY B 143 -20.22 26.02 17.05
C GLY B 143 -19.11 26.95 17.46
N CYS B 144 -18.05 27.02 16.64
CA CYS B 144 -16.94 27.92 16.91
C CYS B 144 -17.37 29.39 16.78
N LYS B 145 -18.10 29.69 15.71
CA LYS B 145 -18.58 31.06 15.46
C LYS B 145 -19.40 31.57 16.65
N ALA B 146 -20.30 30.72 17.13
CA ALA B 146 -21.17 31.07 18.24
C ALA B 146 -20.38 31.36 19.52
N ARG B 147 -19.25 30.67 19.67
CA ARG B 147 -18.48 30.71 20.90
C ARG B 147 -17.37 31.75 20.83
N GLY B 148 -17.31 32.45 19.71
CA GLY B 148 -16.28 33.45 19.50
C GLY B 148 -14.91 32.85 19.23
N ILE B 149 -14.90 31.60 18.79
CA ILE B 149 -13.62 30.92 18.52
C ILE B 149 -13.28 31.08 17.04
N LYS B 150 -12.07 31.59 16.76
CA LYS B 150 -11.61 31.81 15.38
C LYS B 150 -11.27 30.47 14.75
N THR B 151 -11.66 30.29 13.49
CA THR B 151 -11.45 29.01 12.80
C THR B 151 -10.28 28.99 11.82
N TYR B 152 -9.31 28.14 12.09
CA TYR B 152 -8.20 27.88 11.17
C TYR B 152 -8.28 26.44 10.66
N ALA B 153 -8.73 26.25 9.43
CA ALA B 153 -8.91 24.88 8.88
C ALA B 153 -7.72 24.48 8.03
N THR B 154 -7.24 23.25 8.22
CA THR B 154 -6.22 22.68 7.34
C THR B 154 -6.92 21.64 6.45
N LEU B 155 -6.74 21.76 5.13
CA LEU B 155 -7.43 20.89 4.17
C LEU B 155 -6.84 19.48 4.16
N TYR B 156 -5.53 19.39 4.34
CA TYR B 156 -4.84 18.11 4.28
C TYR B 156 -3.79 17.95 5.37
N HIS B 157 -4.09 17.05 6.31
CA HIS B 157 -3.14 16.65 7.35
C HIS B 157 -2.92 15.13 7.32
N TRP B 158 -2.71 14.60 6.11
CA TRP B 158 -2.12 13.25 5.86
C TRP B 158 -3.11 12.14 5.58
N ASP B 159 -4.40 12.41 5.76
CA ASP B 159 -5.36 11.33 5.60
C ASP B 159 -5.89 11.23 4.16
N LEU B 160 -5.02 10.82 3.23
CA LEU B 160 -5.41 10.64 1.82
C LEU B 160 -6.43 9.50 1.71
N PRO B 161 -7.52 9.70 0.97
CA PRO B 161 -8.43 8.58 0.74
C PRO B 161 -7.71 7.41 0.08
N LEU B 162 -7.90 6.20 0.58
CA LEU B 162 -7.15 5.01 0.13
C LEU B 162 -7.31 4.75 -1.37
N THR B 163 -8.52 4.97 -1.87
CA THR B 163 -8.83 4.67 -3.27
C THR B 163 -7.88 5.38 -4.24
N LEU B 164 -7.40 6.56 -3.86
CA LEU B 164 -6.48 7.32 -4.70
C LEU B 164 -5.14 6.61 -4.89
N MET B 165 -4.81 5.67 -4.02
CA MET B 165 -3.59 4.87 -4.20
C MET B 165 -3.68 4.00 -5.44
N GLY B 166 -4.89 3.73 -5.92
CA GLY B 166 -5.09 2.93 -7.13
C GLY B 166 -4.46 3.59 -8.36
N ASP B 167 -4.46 4.93 -8.39
CA ASP B 167 -3.84 5.69 -9.48
C ASP B 167 -2.36 5.96 -9.23
N GLY B 168 -1.87 5.62 -8.05
CA GLY B 168 -0.49 5.93 -7.68
C GLY B 168 -0.34 6.94 -6.55
N GLY B 169 -1.46 7.32 -5.93
CA GLY B 169 -1.41 8.28 -4.83
C GLY B 169 -0.75 9.58 -5.23
N TRP B 170 0.13 10.09 -4.37
CA TRP B 170 0.77 11.38 -4.61
C TRP B 170 1.78 11.31 -5.76
N ALA B 171 2.20 10.09 -6.10
CA ALA B 171 3.06 9.88 -7.27
C ALA B 171 2.31 10.17 -8.58
N SER B 172 0.98 10.26 -8.52
CA SER B 172 0.21 10.56 -9.74
C SER B 172 -0.35 11.97 -9.74
N ARG B 173 -0.17 12.67 -10.85
CA ARG B 173 -0.53 14.06 -10.96
C ARG B 173 -2.04 14.24 -10.80
N SER B 174 -2.80 13.22 -11.24
CA SER B 174 -4.26 13.27 -11.14
C SER B 174 -4.69 13.50 -9.69
N THR B 175 -3.90 12.99 -8.74
CA THR B 175 -4.20 13.18 -7.32
C THR B 175 -4.22 14.66 -6.92
N ALA B 176 -3.37 15.47 -7.55
CA ALA B 176 -3.38 16.92 -7.31
C ALA B 176 -4.69 17.55 -7.75
N HIS B 177 -5.26 17.02 -8.84
CA HIS B 177 -6.56 17.50 -9.32
C HIS B 177 -7.70 17.00 -8.45
N ALA B 178 -7.57 15.78 -7.92
CA ALA B 178 -8.54 15.31 -6.94
C ALA B 178 -8.56 16.31 -5.79
N PHE B 179 -7.36 16.73 -5.36
CA PHE B 179 -7.24 17.67 -4.24
C PHE B 179 -7.84 19.02 -4.58
N GLN B 180 -7.58 19.48 -5.81
CA GLN B 180 -8.13 20.72 -6.33
C GLN B 180 -9.64 20.76 -6.17
N ARG B 181 -10.29 19.68 -6.59
CA ARG B 181 -11.75 19.59 -6.46
C ARG B 181 -12.19 19.55 -5.00
N TYR B 182 -11.46 18.81 -4.18
CA TYR B 182 -11.74 18.68 -2.75
C TYR B 182 -11.65 20.03 -2.06
N ALA B 183 -10.56 20.75 -2.34
CA ALA B 183 -10.39 22.10 -1.83
C ALA B 183 -11.61 22.98 -2.12
N LYS B 184 -12.04 23.02 -3.38
CA LYS B 184 -13.23 23.81 -3.74
C LYS B 184 -14.48 23.39 -2.98
N THR B 185 -14.67 22.07 -2.89
CA THR B 185 -15.86 21.50 -2.25
C THR B 185 -16.00 21.96 -0.80
N VAL B 186 -14.90 21.92 -0.07
CA VAL B 186 -14.85 22.33 1.33
C VAL B 186 -15.07 23.84 1.48
N MET B 187 -14.34 24.62 0.70
CA MET B 187 -14.43 26.07 0.86
C MET B 187 -15.78 26.59 0.41
N ALA B 188 -16.41 25.90 -0.54
CA ALA B 188 -17.73 26.32 -1.03
C ALA B 188 -18.75 26.23 0.10
N ARG B 189 -18.58 25.27 0.99
CA ARG B 189 -19.48 25.10 2.13
C ARG B 189 -19.06 25.95 3.34
N LEU B 190 -17.75 26.07 3.57
CA LEU B 190 -17.26 26.64 4.83
C LEU B 190 -16.72 28.06 4.69
N GLY B 191 -16.43 28.47 3.45
CA GLY B 191 -15.71 29.71 3.23
C GLY B 191 -16.41 30.99 3.69
N ASP B 192 -17.70 30.89 4.02
CA ASP B 192 -18.43 32.08 4.45
C ASP B 192 -18.15 32.37 5.92
N ARG B 193 -17.61 31.39 6.64
CA ARG B 193 -17.38 31.52 8.09
C ARG B 193 -15.95 31.30 8.56
N LEU B 194 -15.15 30.57 7.79
CA LEU B 194 -13.76 30.30 8.19
C LEU B 194 -12.96 31.59 8.34
N ASP B 195 -12.20 31.71 9.41
CA ASP B 195 -11.31 32.86 9.58
C ASP B 195 -10.00 32.69 8.79
N ALA B 196 -9.59 31.44 8.56
CA ALA B 196 -8.38 31.16 7.80
C ALA B 196 -8.37 29.71 7.30
N VAL B 197 -7.57 29.45 6.27
CA VAL B 197 -7.45 28.09 5.72
C VAL B 197 -6.00 27.85 5.31
N ALA B 198 -5.53 26.63 5.57
CA ALA B 198 -4.23 26.20 5.08
C ALA B 198 -4.47 24.98 4.19
N THR B 199 -3.79 24.92 3.04
CA THR B 199 -3.91 23.78 2.15
C THR B 199 -3.36 22.51 2.80
N PHE B 200 -2.06 22.49 3.03
CA PHE B 200 -1.36 21.33 3.57
C PHE B 200 -0.71 21.63 4.91
N ASN B 201 -0.59 20.60 5.74
CA ASN B 201 0.27 20.64 6.93
C ASN B 201 1.47 19.70 6.72
N SER B 202 2.68 20.26 6.80
CA SER B 202 3.91 19.47 6.80
C SER B 202 4.12 18.62 5.54
N PRO B 203 4.29 19.27 4.38
CA PRO B 203 4.64 18.52 3.17
C PRO B 203 5.83 17.60 3.41
N TRP B 204 6.78 18.03 4.23
CA TRP B 204 7.98 17.23 4.52
C TRP B 204 7.63 15.82 4.98
N CYS B 205 6.60 15.71 5.82
CA CYS B 205 6.19 14.40 6.33
C CYS B 205 5.45 13.63 5.23
N ALA B 206 4.50 14.30 4.57
CA ALA B 206 3.72 13.64 3.52
C ALA B 206 4.59 13.25 2.32
N VAL B 207 5.71 13.93 2.15
CA VAL B 207 6.62 13.66 1.03
C VAL B 207 7.77 12.70 1.41
N TRP B 208 8.80 13.19 2.09
CA TRP B 208 9.99 12.37 2.37
C TRP B 208 9.77 11.25 3.38
N LEU B 209 9.13 11.59 4.49
CA LEU B 209 8.89 10.59 5.54
C LEU B 209 7.95 9.47 5.04
N SER B 210 7.05 9.83 4.14
CA SER B 210 6.04 8.87 3.66
C SER B 210 6.48 8.06 2.45
N HIS B 211 7.34 8.63 1.61
CA HIS B 211 7.67 8.01 0.33
C HIS B 211 9.14 7.64 0.16
N LEU B 212 10.01 8.28 0.94
CA LEU B 212 11.44 7.97 0.88
C LEU B 212 11.91 7.16 2.08
N TYR B 213 11.47 7.55 3.29
CA TYR B 213 11.92 6.90 4.53
C TYR B 213 11.05 5.73 5.00
N GLY B 214 9.81 5.65 4.52
CA GLY B 214 8.92 4.52 4.85
C GLY B 214 8.33 4.51 6.25
N ILE B 215 8.39 5.66 6.94
CA ILE B 215 7.95 5.76 8.32
C ILE B 215 6.47 6.13 8.45
N HIS B 216 5.98 6.92 7.50
CA HIS B 216 4.58 7.32 7.48
C HIS B 216 3.88 6.75 6.25
N ALA B 217 2.55 6.71 6.27
CA ALA B 217 1.77 6.19 5.13
C ALA B 217 2.04 6.99 3.86
N PRO B 218 2.15 6.33 2.68
CA PRO B 218 1.89 4.89 2.43
C PRO B 218 3.08 3.98 2.68
N GLY B 219 4.18 4.52 3.23
CA GLY B 219 5.29 3.68 3.62
C GLY B 219 6.22 3.26 2.50
N GLU B 220 6.37 4.13 1.50
CA GLU B 220 7.31 3.85 0.42
C GLU B 220 8.75 4.25 0.76
N ARG B 221 9.70 3.62 0.06
CA ARG B 221 11.12 3.97 0.16
C ARG B 221 11.70 4.00 -1.24
N ASN B 222 11.41 5.06 -1.98
CA ASN B 222 11.84 5.11 -3.37
C ASN B 222 11.99 6.56 -3.76
N MET B 223 13.16 6.91 -4.30
CA MET B 223 13.45 8.33 -4.61
C MET B 223 12.56 8.85 -5.74
N GLU B 224 12.32 8.00 -6.73
CA GLU B 224 11.44 8.38 -7.83
C GLU B 224 10.02 8.70 -7.32
N ALA B 225 9.48 7.80 -6.49
CA ALA B 225 8.14 8.00 -5.90
C ALA B 225 8.07 9.27 -5.07
N ALA B 226 9.12 9.50 -4.28
CA ALA B 226 9.17 10.65 -3.39
C ALA B 226 9.23 11.98 -4.15
N LEU B 227 10.04 12.01 -5.21
CA LEU B 227 10.19 13.22 -6.00
C LEU B 227 8.88 13.56 -6.68
N ALA B 228 8.15 12.54 -7.10
CA ALA B 228 6.84 12.73 -7.74
C ALA B 228 5.83 13.27 -6.72
N ALA B 229 5.86 12.70 -5.52
CA ALA B 229 5.01 13.18 -4.43
C ALA B 229 5.36 14.64 -4.13
N MET B 230 6.66 14.93 -4.11
CA MET B 230 7.14 16.28 -3.83
C MET B 230 6.48 17.32 -4.74
N HIS B 231 6.57 17.10 -6.05
CA HIS B 231 6.05 18.07 -7.01
C HIS B 231 4.53 18.15 -7.01
N HIS B 232 3.88 17.00 -6.83
CA HIS B 232 2.42 16.96 -6.93
C HIS B 232 1.75 17.55 -5.70
N ILE B 233 2.42 17.43 -4.55
CA ILE B 233 1.93 18.10 -3.34
C ILE B 233 2.09 19.64 -3.45
N ASN B 234 3.26 20.08 -3.92
CA ASN B 234 3.48 21.50 -4.20
C ASN B 234 2.44 22.02 -5.18
N LEU B 235 2.16 21.20 -6.20
CA LEU B 235 1.22 21.60 -7.24
C LEU B 235 -0.19 21.61 -6.66
N ALA B 236 -0.52 20.58 -5.91
CA ALA B 236 -1.84 20.52 -5.27
C ALA B 236 -2.06 21.75 -4.38
N HIS B 237 -1.02 22.15 -3.66
CA HIS B 237 -1.07 23.37 -2.86
C HIS B 237 -1.49 24.57 -3.72
N GLY B 238 -0.78 24.77 -4.82
CA GLY B 238 -1.09 25.83 -5.76
C GLY B 238 -2.52 25.73 -6.28
N PHE B 239 -2.94 24.49 -6.58
CA PHE B 239 -4.32 24.28 -7.00
C PHE B 239 -5.28 24.71 -5.90
N GLY B 240 -4.96 24.34 -4.67
CA GLY B 240 -5.82 24.69 -3.53
C GLY B 240 -5.96 26.18 -3.30
N VAL B 241 -4.86 26.92 -3.43
CA VAL B 241 -4.87 28.37 -3.24
C VAL B 241 -5.83 29.01 -4.24
N GLU B 242 -5.66 28.65 -5.49
CA GLU B 242 -6.49 29.10 -6.53
C GLU B 242 -7.98 28.77 -6.30
N ALA B 243 -8.26 27.52 -6.01
CA ALA B 243 -9.63 27.08 -5.77
C ALA B 243 -10.28 27.84 -4.62
N SER B 244 -9.52 28.03 -3.54
CA SER B 244 -10.07 28.70 -2.36
C SER B 244 -10.41 30.15 -2.66
N ARG B 245 -9.59 30.80 -3.49
CA ARG B 245 -9.80 32.19 -3.80
C ARG B 245 -10.94 32.43 -4.79
N HIS B 246 -11.17 31.47 -5.68
CA HIS B 246 -12.32 31.55 -6.59
C HIS B 246 -13.66 31.44 -5.83
N VAL B 247 -13.72 30.55 -4.84
CA VAL B 247 -14.96 30.36 -4.08
C VAL B 247 -15.08 31.25 -2.84
N ALA B 248 -13.95 31.54 -2.19
CA ALA B 248 -13.97 32.27 -0.92
C ALA B 248 -12.83 33.29 -0.83
N PRO B 249 -12.93 34.39 -1.60
CA PRO B 249 -11.81 35.34 -1.69
C PRO B 249 -11.48 36.08 -0.40
N LYS B 250 -12.44 36.23 0.51
CA LYS B 250 -12.17 36.90 1.80
C LYS B 250 -11.23 36.10 2.71
N VAL B 251 -11.27 34.77 2.62
CA VAL B 251 -10.51 33.92 3.53
C VAL B 251 -9.01 33.92 3.24
N PRO B 252 -8.21 34.34 4.22
CA PRO B 252 -6.75 34.32 4.06
C PRO B 252 -6.27 32.88 3.87
N VAL B 253 -5.47 32.65 2.83
CA VAL B 253 -4.93 31.33 2.52
C VAL B 253 -3.50 31.19 2.99
N GLY B 254 -3.19 30.05 3.63
CA GLY B 254 -1.85 29.80 4.10
C GLY B 254 -1.34 28.41 3.74
N LEU B 255 -0.11 28.10 4.18
CA LEU B 255 0.48 26.78 4.01
C LEU B 255 1.24 26.48 5.31
N VAL B 256 1.09 25.27 5.85
CA VAL B 256 1.78 24.93 7.11
C VAL B 256 2.98 24.02 6.84
N LEU B 257 4.16 24.45 7.30
CA LEU B 257 5.40 23.77 6.98
C LEU B 257 6.20 23.48 8.24
N ASN B 258 6.69 22.25 8.36
CA ASN B 258 7.67 22.00 9.40
C ASN B 258 9.07 22.26 8.84
N ALA B 259 9.41 23.55 8.76
CA ALA B 259 10.76 23.99 8.41
C ALA B 259 11.74 23.51 9.47
N HIS B 260 12.82 22.88 9.02
CA HIS B 260 13.80 22.35 9.97
C HIS B 260 14.92 23.35 10.30
N SER B 261 15.17 23.54 11.59
CA SER B 261 16.33 24.29 12.05
C SER B 261 17.55 23.40 11.87
N VAL B 262 18.23 23.56 10.73
CA VAL B 262 19.37 22.73 10.38
C VAL B 262 20.66 23.27 10.98
N ILE B 263 21.23 22.55 11.94
CA ILE B 263 22.44 23.00 12.61
C ILE B 263 23.59 22.04 12.30
N PRO B 264 24.68 22.57 11.72
CA PRO B 264 25.88 21.77 11.41
C PRO B 264 26.57 21.21 12.66
N ALA B 265 27.13 20.01 12.55
CA ALA B 265 27.79 19.35 13.68
C ALA B 265 29.02 20.12 14.12
N SER B 266 29.63 20.81 13.16
CA SER B 266 30.82 21.62 13.41
C SER B 266 30.85 22.79 12.42
N ASN B 267 31.84 23.66 12.57
CA ASN B 267 32.06 24.77 11.65
C ASN B 267 33.02 24.43 10.51
N SER B 268 33.26 23.14 10.28
CA SER B 268 34.10 22.74 9.15
C SER B 268 33.39 23.06 7.85
N ASP B 269 34.15 23.19 6.76
CA ASP B 269 33.56 23.45 5.45
C ASP B 269 32.67 22.28 5.06
N ALA B 270 33.16 21.07 5.31
CA ALA B 270 32.43 19.83 5.01
C ALA B 270 31.04 19.83 5.66
N ASP B 271 31.00 20.04 6.98
CA ASP B 271 29.74 20.06 7.71
C ASP B 271 28.85 21.25 7.35
N MET B 272 29.47 22.39 7.07
CA MET B 272 28.70 23.58 6.69
C MET B 272 28.05 23.37 5.32
N LYS B 273 28.79 22.81 4.37
CA LYS B 273 28.21 22.51 3.06
C LYS B 273 27.13 21.43 3.18
N ALA B 274 27.32 20.47 4.08
CA ALA B 274 26.26 19.52 4.43
C ALA B 274 25.00 20.26 4.86
N ALA B 275 25.12 21.17 5.83
CA ALA B 275 23.97 21.91 6.34
C ALA B 275 23.15 22.60 5.24
N GLU B 276 23.84 23.12 4.23
CA GLU B 276 23.13 23.77 3.12
C GLU B 276 22.40 22.75 2.22
N ARG B 277 23.01 21.59 1.98
CA ARG B 277 22.38 20.57 1.15
C ARG B 277 21.12 20.06 1.86
N ALA B 278 21.28 19.73 3.14
CA ALA B 278 20.16 19.36 4.00
C ALA B 278 19.05 20.40 3.94
N PHE B 279 19.42 21.68 3.98
CA PHE B 279 18.42 22.75 3.96
C PHE B 279 17.62 22.73 2.66
N GLN B 280 18.32 22.61 1.53
CA GLN B 280 17.66 22.58 0.23
C GLN B 280 16.70 21.38 0.07
N PHE B 281 17.12 20.23 0.56
CA PHE B 281 16.35 18.99 0.41
C PHE B 281 15.17 18.96 1.38
N HIS B 282 15.43 19.28 2.64
CA HIS B 282 14.41 19.21 3.68
C HIS B 282 13.49 20.43 3.76
N ASN B 283 14.01 21.61 3.44
CA ASN B 283 13.19 22.81 3.44
C ASN B 283 12.94 23.37 2.04
N GLY B 284 14.02 23.64 1.31
CA GLY B 284 13.96 24.28 0.00
C GLY B 284 13.10 23.57 -1.03
N ALA B 285 13.02 22.24 -0.92
CA ALA B 285 12.12 21.46 -1.80
C ALA B 285 10.67 21.99 -1.74
N PHE B 286 10.32 22.65 -0.64
CA PHE B 286 8.97 23.22 -0.49
C PHE B 286 8.97 24.76 -0.45
N PHE B 287 9.89 25.37 0.30
CA PHE B 287 9.96 26.83 0.38
C PHE B 287 10.33 27.49 -0.95
N ASP B 288 11.33 26.93 -1.65
CA ASP B 288 11.77 27.52 -2.90
C ASP B 288 10.67 27.57 -3.98
N PRO B 289 9.96 26.44 -4.23
CA PRO B 289 8.87 26.52 -5.21
C PRO B 289 7.76 27.49 -4.78
N VAL B 290 7.37 27.45 -3.51
CA VAL B 290 6.27 28.28 -3.04
C VAL B 290 6.62 29.76 -2.99
N PHE B 291 7.85 30.08 -2.59
CA PHE B 291 8.20 31.48 -2.33
C PHE B 291 9.18 32.11 -3.34
N LYS B 292 9.80 31.29 -4.18
CA LYS B 292 10.73 31.76 -5.21
C LYS B 292 10.31 31.29 -6.60
N GLY B 293 9.32 30.41 -6.66
CA GLY B 293 8.87 29.86 -7.93
C GLY B 293 9.95 29.07 -8.64
N GLU B 294 10.84 28.43 -7.88
CA GLU B 294 11.82 27.54 -8.47
C GLU B 294 12.24 26.44 -7.50
N TYR B 295 12.81 25.36 -8.00
CA TYR B 295 13.41 24.35 -7.14
C TYR B 295 14.85 24.74 -6.86
N PRO B 296 15.40 24.30 -5.69
CA PRO B 296 16.81 24.58 -5.38
C PRO B 296 17.74 23.94 -6.41
N ALA B 297 18.65 24.73 -6.98
CA ALA B 297 19.50 24.33 -8.10
C ALA B 297 20.40 23.11 -7.83
N GLU B 298 21.08 23.12 -6.68
CA GLU B 298 21.94 22.00 -6.31
C GLU B 298 21.12 20.72 -6.15
N MET B 299 19.88 20.87 -5.68
CA MET B 299 19.02 19.70 -5.56
C MET B 299 18.60 19.22 -6.96
N ILE B 300 18.33 20.18 -7.85
CA ILE B 300 17.95 19.86 -9.22
C ILE B 300 19.08 19.15 -9.99
N GLU B 301 20.33 19.55 -9.75
CA GLU B 301 21.46 18.88 -10.37
C GLU B 301 21.50 17.41 -9.99
N ALA B 302 21.29 17.12 -8.71
CA ALA B 302 21.41 15.75 -8.20
C ALA B 302 20.20 14.86 -8.49
N LEU B 303 18.99 15.44 -8.37
CA LEU B 303 17.75 14.66 -8.32
C LEU B 303 16.77 14.97 -9.46
N GLY B 304 17.01 16.08 -10.16
CA GLY B 304 16.11 16.58 -11.19
C GLY B 304 15.73 15.61 -12.28
N SER B 305 16.68 14.77 -12.71
CA SER B 305 16.41 13.85 -13.81
C SER B 305 15.43 12.74 -13.43
N ARG B 306 15.23 12.53 -12.13
CA ARG B 306 14.28 11.51 -11.67
C ARG B 306 12.94 12.12 -11.24
N MET B 307 12.79 13.42 -11.45
CA MET B 307 11.56 14.12 -11.12
C MET B 307 10.49 13.89 -12.18
N PRO B 308 9.20 13.98 -11.77
CA PRO B 308 8.13 13.85 -12.75
C PRO B 308 8.13 15.04 -13.69
N VAL B 309 7.26 15.01 -14.70
CA VAL B 309 7.09 16.14 -15.60
C VAL B 309 6.73 17.42 -14.85
N VAL B 310 7.44 18.50 -15.13
CA VAL B 310 7.06 19.82 -14.64
C VAL B 310 6.54 20.64 -15.81
N GLU B 311 5.22 20.76 -15.91
CA GLU B 311 4.60 21.52 -17.00
C GLU B 311 4.98 22.99 -16.88
N ALA B 312 4.74 23.75 -17.95
CA ALA B 312 5.26 25.11 -18.03
C ALA B 312 4.68 26.05 -16.97
N GLU B 313 3.43 25.85 -16.60
CA GLU B 313 2.77 26.75 -15.66
C GLU B 313 2.88 26.30 -14.22
N ASP B 314 3.54 25.17 -13.98
CA ASP B 314 3.54 24.57 -12.66
C ASP B 314 4.07 25.49 -11.56
N LEU B 315 5.28 26.04 -11.76
CA LEU B 315 5.89 26.87 -10.72
C LEU B 315 5.19 28.21 -10.54
N SER B 316 4.49 28.68 -11.57
CA SER B 316 3.71 29.91 -11.44
C SER B 316 2.53 29.66 -10.50
N ILE B 317 1.84 28.55 -10.73
CA ILE B 317 0.74 28.10 -9.87
C ILE B 317 1.19 27.81 -8.43
N ILE B 318 2.33 27.13 -8.28
CA ILE B 318 2.85 26.79 -6.95
C ILE B 318 3.22 28.05 -6.14
N SER B 319 3.69 29.08 -6.83
CA SER B 319 4.26 30.25 -6.17
C SER B 319 3.29 31.44 -6.03
N GLN B 320 1.99 31.18 -6.09
CA GLN B 320 1.00 32.21 -5.80
C GLN B 320 1.27 32.80 -4.42
N LYS B 321 1.03 34.10 -4.28
CA LYS B 321 1.27 34.77 -3.00
C LYS B 321 0.26 34.36 -1.93
N LEU B 322 0.79 33.99 -0.76
CA LEU B 322 -0.03 33.59 0.39
C LEU B 322 -0.28 34.75 1.33
N ASP B 323 -1.39 34.68 2.09
CA ASP B 323 -1.73 35.70 3.07
C ASP B 323 -1.02 35.47 4.41
N TRP B 324 -0.62 34.23 4.67
CA TRP B 324 0.11 33.89 5.89
C TRP B 324 0.77 32.53 5.71
N TRP B 325 1.70 32.19 6.60
CA TRP B 325 2.22 30.82 6.62
C TRP B 325 2.33 30.32 8.06
N GLY B 326 2.35 29.00 8.21
CA GLY B 326 2.39 28.38 9.52
C GLY B 326 3.67 27.61 9.71
N LEU B 327 4.35 27.91 10.82
CA LEU B 327 5.59 27.21 11.14
C LEU B 327 5.35 26.18 12.25
N ASN B 328 5.76 24.93 11.96
CA ASN B 328 5.75 23.87 12.96
C ASN B 328 7.17 23.65 13.44
N TYR B 329 7.41 23.76 14.75
CA TYR B 329 8.75 23.51 15.27
C TYR B 329 8.72 22.74 16.61
N TYR B 330 9.66 21.82 16.77
CA TYR B 330 9.78 21.00 17.99
C TYR B 330 11.23 20.88 18.48
N THR B 331 12.15 20.71 17.53
CA THR B 331 13.50 20.23 17.82
C THR B 331 14.41 20.55 16.63
N PRO B 332 15.70 20.80 16.89
CA PRO B 332 16.63 21.08 15.77
C PRO B 332 16.96 19.84 14.94
N MET B 333 17.36 20.05 13.68
CA MET B 333 17.89 18.97 12.85
C MET B 333 19.39 19.09 12.75
N ARG B 334 20.12 18.37 13.61
CA ARG B 334 21.57 18.45 13.61
C ARG B 334 22.16 17.45 12.61
N VAL B 335 22.90 17.98 11.64
CA VAL B 335 23.46 17.14 10.58
C VAL B 335 24.97 17.26 10.49
N ALA B 336 25.57 16.23 9.91
CA ALA B 336 27.01 16.21 9.62
C ALA B 336 27.18 15.69 8.20
N ASP B 337 28.30 15.97 7.59
CA ASP B 337 28.58 15.44 6.29
C ASP B 337 28.62 13.92 6.30
N ASP B 338 28.07 13.32 5.28
CA ASP B 338 28.17 11.87 5.19
C ASP B 338 28.92 11.52 3.92
N ALA B 339 30.21 11.24 4.09
CA ALA B 339 31.10 11.01 2.97
C ALA B 339 31.09 9.57 2.46
N THR B 340 30.11 8.79 2.91
CA THR B 340 29.92 7.44 2.40
C THR B 340 29.70 7.50 0.90
N GLU B 341 30.41 6.64 0.17
CA GLU B 341 30.38 6.68 -1.29
C GLU B 341 29.01 6.35 -1.87
N GLY B 342 28.58 7.12 -2.87
CA GLY B 342 27.31 6.90 -3.52
C GLY B 342 26.09 7.37 -2.73
N ALA B 343 26.32 8.07 -1.63
CA ALA B 343 25.21 8.56 -0.81
C ALA B 343 24.33 9.55 -1.59
N GLU B 344 23.02 9.34 -1.56
CA GLU B 344 22.06 10.17 -2.28
C GLU B 344 22.02 11.58 -1.68
N PHE B 345 21.83 12.59 -2.52
CA PHE B 345 21.63 13.96 -2.05
C PHE B 345 20.55 13.95 -0.96
N PRO B 346 20.77 14.69 0.14
CA PRO B 346 21.83 15.65 0.44
C PRO B 346 23.12 15.06 1.06
N ALA B 347 23.20 13.75 1.22
CA ALA B 347 24.41 13.13 1.77
C ALA B 347 24.79 13.65 3.17
N THR B 348 23.85 13.58 4.12
CA THR B 348 24.13 14.00 5.48
C THR B 348 23.88 12.85 6.43
N LYS B 349 24.36 12.98 7.66
CA LYS B 349 23.98 12.04 8.70
C LYS B 349 23.68 12.77 9.99
N GLN B 350 23.03 12.06 10.92
CA GLN B 350 22.59 12.66 12.16
C GLN B 350 23.74 13.03 13.09
N ALA B 351 23.77 14.30 13.49
CA ALA B 351 24.72 14.79 14.47
C ALA B 351 24.07 14.69 15.86
N PRO B 352 24.88 14.59 16.93
CA PRO B 352 24.37 14.39 18.30
C PRO B 352 23.79 15.64 18.96
N ALA B 353 22.91 15.44 19.94
CA ALA B 353 22.26 16.54 20.64
C ALA B 353 23.24 17.30 21.54
N VAL B 354 23.18 18.62 21.48
CA VAL B 354 24.04 19.45 22.32
C VAL B 354 23.41 19.61 23.69
N SER B 355 22.11 19.85 23.74
CA SER B 355 21.38 19.88 25.00
C SER B 355 21.26 18.46 25.53
N ASP B 356 21.19 18.32 26.85
CA ASP B 356 20.98 17.00 27.45
C ASP B 356 19.55 16.86 27.96
N VAL B 357 18.73 17.89 27.66
CA VAL B 357 17.28 17.87 27.92
C VAL B 357 16.54 17.26 26.72
N LYS B 358 15.70 16.26 26.99
CA LYS B 358 14.94 15.56 25.95
C LYS B 358 13.53 15.24 26.42
N THR B 359 12.59 15.27 25.47
CA THR B 359 11.20 14.89 25.74
C THR B 359 11.06 13.37 25.78
N ASP B 360 9.87 12.89 26.16
CA ASP B 360 9.66 11.45 26.34
C ASP B 360 9.71 10.65 25.02
N ILE B 361 9.65 11.34 23.90
CA ILE B 361 9.80 10.69 22.59
C ILE B 361 11.27 10.77 22.15
N GLY B 362 12.09 11.39 22.98
CA GLY B 362 13.52 11.45 22.74
C GLY B 362 14.00 12.65 21.93
N TRP B 363 13.16 13.66 21.77
CA TRP B 363 13.54 14.83 20.97
C TRP B 363 14.29 15.85 21.81
N GLU B 364 15.41 16.34 21.29
CA GLU B 364 16.20 17.36 21.97
C GLU B 364 15.38 18.65 22.18
N VAL B 365 15.44 19.20 23.38
CA VAL B 365 14.84 20.50 23.68
C VAL B 365 15.91 21.60 23.54
N TYR B 366 15.77 22.46 22.52
CA TYR B 366 16.72 23.54 22.31
C TYR B 366 16.03 24.74 21.66
N ALA B 367 15.32 25.49 22.49
CA ALA B 367 14.57 26.67 22.06
C ALA B 367 15.31 27.71 21.18
N PRO B 368 16.61 27.94 21.40
CA PRO B 368 17.26 28.91 20.50
C PRO B 368 17.20 28.55 19.01
N ALA B 369 17.11 27.26 18.69
CA ALA B 369 17.06 26.80 17.30
C ALA B 369 15.81 27.32 16.58
N LEU B 370 14.79 27.73 17.35
CA LEU B 370 13.61 28.39 16.81
C LEU B 370 13.92 29.85 16.42
N HIS B 371 14.73 30.53 17.22
CA HIS B 371 15.12 31.90 16.89
C HIS B 371 15.97 31.94 15.63
N SER B 372 17.01 31.09 15.57
CA SER B 372 17.90 31.05 14.41
C SER B 372 17.17 30.58 13.13
N LEU B 373 16.23 29.66 13.28
CA LEU B 373 15.37 29.25 12.16
C LEU B 373 14.59 30.43 11.54
N VAL B 374 13.81 31.15 12.34
CA VAL B 374 12.97 32.24 11.83
C VAL B 374 13.82 33.32 11.19
N GLU B 375 14.95 33.59 11.83
CA GLU B 375 15.95 34.52 11.33
C GLU B 375 16.45 34.12 9.95
N THR B 376 16.82 32.84 9.79
CA THR B 376 17.27 32.32 8.49
C THR B 376 16.18 32.44 7.41
N LEU B 377 14.97 32.01 7.76
CA LEU B 377 13.87 31.97 6.79
C LEU B 377 13.50 33.35 6.24
N TYR B 378 13.38 34.35 7.13
CA TYR B 378 13.03 35.70 6.69
C TYR B 378 14.16 36.42 5.94
N GLU B 379 15.40 35.99 6.14
CA GLU B 379 16.51 36.49 5.32
C GLU B 379 16.48 35.86 3.94
N ARG B 380 16.14 34.57 3.89
CA ARG B 380 16.25 33.79 2.66
C ARG B 380 15.03 33.91 1.75
N TYR B 381 13.85 34.13 2.32
CA TYR B 381 12.63 34.16 1.52
C TYR B 381 11.77 35.38 1.78
N GLU B 382 10.93 35.72 0.80
CA GLU B 382 9.89 36.74 0.99
C GLU B 382 8.64 36.07 1.57
N LEU B 383 8.49 36.13 2.89
CA LEU B 383 7.40 35.43 3.56
C LEU B 383 6.29 36.37 4.02
N PRO B 384 5.05 35.87 4.04
CA PRO B 384 3.96 36.65 4.63
C PRO B 384 4.01 36.58 6.16
N ASP B 385 2.99 37.12 6.84
CA ASP B 385 2.89 36.98 8.30
C ASP B 385 3.08 35.53 8.73
N CYS B 386 3.68 35.33 9.90
CA CYS B 386 3.95 34.01 10.42
C CYS B 386 3.11 33.64 11.63
N TYR B 387 2.53 32.44 11.61
CA TYR B 387 1.93 31.87 12.82
C TYR B 387 2.68 30.61 13.25
N ILE B 388 3.02 30.50 14.54
CA ILE B 388 3.52 29.22 15.02
C ILE B 388 2.32 28.28 15.10
N THR B 389 2.26 27.31 14.20
CA THR B 389 1.09 26.45 14.07
C THR B 389 1.22 25.15 14.85
N GLU B 390 2.46 24.75 15.11
CA GLU B 390 2.75 23.61 15.99
C GLU B 390 4.04 23.84 16.79
N ASN B 391 3.91 23.63 18.10
CA ASN B 391 5.06 23.66 19.00
C ASN B 391 4.52 23.08 20.30
N GLY B 392 5.18 22.05 20.81
CA GLY B 392 4.64 21.25 21.89
C GLY B 392 5.66 20.16 22.20
N ALA B 393 5.35 19.29 23.16
CA ALA B 393 6.36 18.37 23.63
C ALA B 393 5.76 17.11 24.19
N CYS B 394 6.43 15.98 23.95
CA CYS B 394 5.97 14.69 24.44
C CYS B 394 6.40 14.44 25.89
N TYR B 395 5.42 14.31 26.78
CA TYR B 395 5.65 13.87 28.16
C TYR B 395 4.45 13.02 28.60
N ASN B 396 4.74 11.86 29.17
CA ASN B 396 3.72 10.82 29.30
C ASN B 396 3.03 10.64 30.64
N MET B 397 3.22 11.59 31.57
CA MET B 397 2.54 11.48 32.86
C MET B 397 1.02 11.55 32.72
N GLY B 398 0.31 10.78 33.55
CA GLY B 398 -1.13 10.77 33.57
C GLY B 398 -1.73 11.40 34.83
N VAL B 399 -2.97 11.03 35.12
CA VAL B 399 -3.74 11.64 36.19
C VAL B 399 -3.42 11.10 37.59
N GLU B 400 -3.04 11.99 38.52
CA GLU B 400 -2.96 11.66 39.95
C GLU B 400 -3.75 12.68 40.74
N ASN B 401 -4.65 12.20 41.59
CA ASN B 401 -5.54 13.08 42.35
C ASN B 401 -6.28 14.05 41.45
N GLY B 402 -6.78 13.55 40.32
CA GLY B 402 -7.56 14.35 39.40
C GLY B 402 -6.78 15.43 38.67
N GLU B 403 -5.45 15.38 38.77
CA GLU B 403 -4.60 16.40 38.15
C GLU B 403 -3.48 15.75 37.35
N VAL B 404 -2.84 16.52 36.47
CA VAL B 404 -1.67 16.01 35.76
C VAL B 404 -0.51 16.98 35.93
N ASP B 405 0.50 16.56 36.70
CA ASP B 405 1.67 17.41 36.91
C ASP B 405 2.65 17.23 35.78
N ASP B 406 2.45 17.97 34.70
CA ASP B 406 3.36 17.87 33.55
C ASP B 406 4.29 19.08 33.45
N GLN B 407 4.98 19.38 34.54
CA GLN B 407 5.90 20.52 34.60
C GLN B 407 6.90 20.67 33.41
N PRO B 408 7.48 19.55 32.92
CA PRO B 408 8.42 19.77 31.82
C PRO B 408 7.73 20.26 30.55
N ARG B 409 6.45 19.94 30.37
CA ARG B 409 5.71 20.49 29.23
C ARG B 409 5.44 21.99 29.43
N LEU B 410 5.06 22.35 30.65
CA LEU B 410 4.89 23.76 31.01
C LEU B 410 6.19 24.50 30.72
N ASP B 411 7.32 23.95 31.16
CA ASP B 411 8.63 24.57 30.95
C ASP B 411 8.94 24.72 29.48
N TYR B 412 8.60 23.70 28.68
CA TYR B 412 8.82 23.75 27.25
C TYR B 412 8.09 24.96 26.64
N TYR B 413 6.82 25.13 26.97
CA TYR B 413 6.06 26.25 26.42
C TYR B 413 6.63 27.61 26.84
N ALA B 414 6.95 27.76 28.12
CA ALA B 414 7.54 29.00 28.63
C ALA B 414 8.78 29.40 27.84
N GLU B 415 9.71 28.46 27.65
CA GLU B 415 10.95 28.75 26.94
C GLU B 415 10.69 29.14 25.50
N HIS B 416 9.86 28.37 24.80
CA HIS B 416 9.66 28.62 23.37
C HIS B 416 8.80 29.86 23.15
N LEU B 417 7.82 30.09 24.01
CA LEU B 417 7.03 31.31 23.92
C LEU B 417 7.92 32.53 24.17
N GLY B 418 8.87 32.40 25.10
CA GLY B 418 9.88 33.42 25.32
C GLY B 418 10.65 33.77 24.05
N ILE B 419 11.04 32.73 23.30
CA ILE B 419 11.70 32.92 22.01
C ILE B 419 10.78 33.63 21.01
N VAL B 420 9.51 33.24 21.00
CA VAL B 420 8.58 33.87 20.07
C VAL B 420 8.44 35.35 20.41
N ALA B 421 8.39 35.66 21.70
CA ALA B 421 8.35 37.04 22.15
C ALA B 421 9.61 37.80 21.75
N ASP B 422 10.77 37.12 21.79
CA ASP B 422 12.03 37.71 21.33
C ASP B 422 11.93 38.11 19.85
N LEU B 423 11.34 37.21 19.05
CA LEU B 423 11.23 37.42 17.61
C LEU B 423 10.34 38.62 17.28
N VAL B 424 9.29 38.80 18.08
CA VAL B 424 8.40 39.95 17.97
C VAL B 424 9.20 41.23 18.24
N LYS B 425 9.94 41.24 19.35
CA LYS B 425 10.88 42.32 19.68
C LYS B 425 11.83 42.62 18.52
N ASP B 426 12.41 41.57 17.95
CA ASP B 426 13.39 41.73 16.88
C ASP B 426 12.79 42.29 15.58
N GLY B 427 11.46 42.34 15.52
CA GLY B 427 10.77 42.93 14.38
C GLY B 427 10.09 41.94 13.42
N TYR B 428 10.14 40.64 13.73
CA TYR B 428 9.53 39.62 12.85
C TYR B 428 8.00 39.58 12.95
N PRO B 429 7.33 39.34 11.79
CA PRO B 429 5.86 39.36 11.74
C PRO B 429 5.22 38.10 12.35
N MET B 430 5.48 37.87 13.63
CA MET B 430 4.90 36.76 14.36
C MET B 430 3.54 37.16 14.90
N ARG B 431 2.48 36.67 14.27
CA ARG B 431 1.15 37.16 14.59
C ARG B 431 0.39 36.28 15.56
N GLY B 432 0.84 35.05 15.74
CA GLY B 432 0.10 34.13 16.57
C GLY B 432 0.80 32.82 16.87
N TYR B 433 0.27 32.11 17.85
CA TYR B 433 0.89 30.90 18.34
C TYR B 433 -0.17 29.85 18.66
N PHE B 434 -0.04 28.66 18.07
CA PHE B 434 -0.94 27.56 18.37
C PHE B 434 -0.20 26.48 19.14
N ALA B 435 -0.68 26.16 20.33
CA ALA B 435 -0.09 25.09 21.14
C ALA B 435 -0.48 23.72 20.59
N TRP B 436 0.51 22.93 20.27
CA TRP B 436 0.32 21.63 19.76
C TRP B 436 0.23 20.61 20.83
N SER B 437 -0.98 20.21 20.62
CA SER B 437 -1.95 19.36 20.94
C SER B 437 -2.87 19.68 21.95
N LEU B 438 -4.03 20.04 21.45
CA LEU B 438 -5.13 20.26 22.40
C LEU B 438 -5.25 19.11 23.38
N MET B 439 -5.26 17.88 22.86
CA MET B 439 -5.37 16.73 23.75
C MET B 439 -4.46 15.57 23.33
N ASP B 440 -4.24 14.63 24.23
CA ASP B 440 -3.42 13.47 23.87
C ASP B 440 -4.16 12.77 22.73
N ASN B 441 -3.43 12.30 21.73
CA ASN B 441 -4.10 11.59 20.66
C ASN B 441 -3.29 10.48 20.03
N PHE B 442 -3.83 9.94 18.94
CA PHE B 442 -3.10 8.99 18.12
C PHE B 442 -1.89 9.71 17.54
N GLU B 443 -0.69 9.24 17.86
CA GLU B 443 0.51 9.90 17.36
C GLU B 443 1.19 9.12 16.24
N TRP B 444 0.48 8.94 15.13
CA TRP B 444 1.05 8.31 13.93
C TRP B 444 1.78 7.00 14.21
N ALA B 445 3.06 6.91 13.83
CA ALA B 445 3.79 5.64 13.97
C ALA B 445 3.99 5.20 15.44
N GLU B 446 3.78 6.13 16.36
CA GLU B 446 3.98 5.87 17.80
C GLU B 446 2.71 5.32 18.45
N GLY B 447 1.60 5.36 17.74
CA GLY B 447 0.34 4.94 18.34
C GLY B 447 -0.03 5.92 19.44
N TYR B 448 -0.67 5.43 20.48
CA TYR B 448 -1.17 6.29 21.55
C TYR B 448 -0.21 6.40 22.72
N ARG B 449 0.99 5.83 22.56
CA ARG B 449 1.99 5.77 23.64
C ARG B 449 2.61 7.13 23.96
N MET B 450 2.75 7.96 22.94
CA MET B 450 3.38 9.26 23.12
C MET B 450 2.33 10.36 23.33
N ARG B 451 2.28 10.94 24.53
CA ARG B 451 1.28 11.98 24.82
C ARG B 451 1.82 13.39 24.56
N PHE B 452 1.12 14.15 23.71
CA PHE B 452 1.47 15.54 23.37
C PHE B 452 0.48 16.60 23.88
N GLY B 453 -0.64 16.19 24.46
CA GLY B 453 -1.73 17.13 24.73
C GLY B 453 -1.55 18.08 25.91
N LEU B 454 -2.31 19.18 25.88
CA LEU B 454 -2.51 20.07 27.02
C LEU B 454 -3.57 19.48 27.90
N VAL B 455 -4.39 18.62 27.28
CA VAL B 455 -5.47 17.95 27.96
C VAL B 455 -5.24 16.46 27.93
N HIS B 456 -5.21 15.85 29.10
CA HIS B 456 -5.06 14.41 29.17
C HIS B 456 -6.35 13.74 28.72
N VAL B 457 -6.23 12.69 27.92
CA VAL B 457 -7.36 11.87 27.55
C VAL B 457 -7.13 10.45 28.03
N ASP B 458 -8.06 9.95 28.85
CA ASP B 458 -8.03 8.56 29.28
C ASP B 458 -8.77 7.76 28.22
N TYR B 459 -8.04 6.94 27.48
CA TYR B 459 -8.62 6.28 26.32
C TYR B 459 -9.72 5.25 26.66
N GLU B 460 -9.67 4.69 27.87
CA GLU B 460 -10.70 3.77 28.32
C GLU B 460 -11.98 4.49 28.69
N THR B 461 -11.87 5.70 29.21
CA THR B 461 -13.07 6.43 29.63
C THR B 461 -13.39 7.62 28.74
N GLN B 462 -12.42 8.06 27.94
CA GLN B 462 -12.58 9.29 27.15
C GLN B 462 -12.70 10.55 28.01
N VAL B 463 -12.41 10.43 29.31
CA VAL B 463 -12.46 11.59 30.21
C VAL B 463 -11.34 12.56 29.85
N ARG B 464 -11.69 13.83 29.66
CA ARG B 464 -10.70 14.87 29.43
C ARG B 464 -10.26 15.46 30.77
N THR B 465 -8.96 15.62 30.97
CA THR B 465 -8.45 16.26 32.18
C THR B 465 -7.44 17.35 31.81
N LEU B 466 -7.78 18.61 32.08
CA LEU B 466 -6.86 19.69 31.75
C LEU B 466 -5.57 19.52 32.56
N LYS B 467 -4.42 19.55 31.90
CA LYS B 467 -3.15 19.37 32.60
C LYS B 467 -2.68 20.71 33.19
N ASN B 468 -1.67 20.64 34.04
CA ASN B 468 -1.11 21.87 34.62
C ASN B 468 -0.54 22.79 33.54
N SER B 469 0.10 22.20 32.53
CA SER B 469 0.56 22.99 31.39
C SER B 469 -0.62 23.69 30.72
N GLY B 470 -1.75 22.98 30.63
CA GLY B 470 -2.94 23.51 30.02
C GLY B 470 -3.57 24.62 30.85
N LYS B 471 -3.55 24.46 32.18
CA LYS B 471 -4.07 25.50 33.08
C LYS B 471 -3.23 26.75 32.92
N TRP B 472 -1.91 26.56 32.81
CA TRP B 472 -0.98 27.67 32.64
C TRP B 472 -1.15 28.34 31.27
N TYR B 473 -1.25 27.54 30.22
CA TYR B 473 -1.50 28.09 28.89
C TYR B 473 -2.82 28.83 28.88
N SER B 474 -3.84 28.26 29.53
CA SER B 474 -5.14 28.93 29.61
C SER B 474 -5.04 30.29 30.33
N ALA B 475 -4.19 30.37 31.35
CA ALA B 475 -4.01 31.63 32.07
C ALA B 475 -3.36 32.68 31.16
N LEU B 476 -2.34 32.26 30.43
CA LEU B 476 -1.71 33.13 29.44
C LEU B 476 -2.69 33.59 28.35
N ALA B 477 -3.34 32.62 27.71
CA ALA B 477 -4.19 32.91 26.55
C ALA B 477 -5.44 33.73 26.91
N SER B 478 -5.94 33.54 28.13
CA SER B 478 -7.17 34.20 28.58
C SER B 478 -7.07 35.71 28.55
N GLY B 479 -5.85 36.24 28.66
CA GLY B 479 -5.67 37.68 28.68
C GLY B 479 -5.72 38.33 27.31
N PHE B 480 -5.94 37.53 26.28
CA PHE B 480 -5.89 38.04 24.91
C PHE B 480 -7.19 37.79 24.14
N PRO B 481 -7.58 38.72 23.25
CA PRO B 481 -6.85 39.96 22.98
C PRO B 481 -7.10 41.00 24.08
N LYS B 482 -6.11 41.87 24.33
CA LYS B 482 -6.23 42.88 25.40
C LYS B 482 -7.16 44.02 24.98
#